data_1FLG
#
_entry.id   1FLG
#
_cell.length_a   159.400
_cell.length_b   159.400
_cell.length_c   130.950
_cell.angle_alpha   90.00
_cell.angle_beta   90.00
_cell.angle_gamma   120.00
#
_symmetry.space_group_name_H-M   'H 3'
#
loop_
_entity.id
_entity.type
_entity.pdbx_description
1 polymer 'PROTEIN (QUINOPROTEIN ETHANOL DEHYDROGENASE)'
2 non-polymer 'CALCIUM ION'
3 non-polymer 'PYRROLOQUINOLINE QUINONE'
4 water water
#
_entity_poly.entity_id   1
_entity_poly.type   'polypeptide(L)'
_entity_poly.pdbx_seq_one_letter_code
;KDVTWEDIANDDKTTGDVLQYGMGTHAQRWSPLKQVNADNVFKLTPAWSYSFGDEKQRGQESQAIVSDGVIYVTASYSRL
FALDAKTGKRLWTYNHRLPDDIRPCCDVVNRGAAIYGDKVFFGTLDASVVALNKNTGKVVWKKKFADHGAGYTMTGAPTI
VKDGKTGKVLLIHGSSGDEFGVVGRLFARDPDTGEEIWMRPFVEGHMGRLNGKDSTVTGDVKAPSWPDDRNSPTGKVESW
SHGGGAPWQSASFDAETNTIIVGAGNPGPWNTWARTAKGGNPHDYDSLYTSGQVGVDPSSGEVKWFYQHTPNDAWDFSGN
NELVLFDYKAKDGKIVKATAHADRNGFFYVVDRSNGKLQNAFPFVDNITWASHIDLKTGRPVEREGQRPPLPEPGQKHGK
AVEVSPPFLGGKNWNPMAYSQDTGLFYVPANHWKEDYWTEEVSYTKGSAYLGMGFRIKRMYDDHVGSLRAMDPVSGKVVW
EHKEHLPLWAGVLATAGNLVFTGTGDGYFKAFDAKSGKELWKFQTGSGIVSPPITWEQDGEQYLGVTVGYGGAVPLWGGD
MADLTRPVAQGGSFWVFKLPSW
;
_entity_poly.pdbx_strand_id   A,B
#
# COMPACT_ATOMS: atom_id res chain seq x y z
N LYS A 1 -26.59 -8.36 -25.64
CA LYS A 1 -26.39 -9.68 -24.98
C LYS A 1 -25.16 -9.64 -24.07
N ASP A 2 -25.14 -8.77 -23.03
CA ASP A 2 -23.96 -8.76 -22.20
C ASP A 2 -24.08 -9.48 -20.92
N VAL A 3 -23.68 -10.71 -20.83
CA VAL A 3 -23.72 -11.47 -19.59
C VAL A 3 -25.18 -11.79 -19.27
N THR A 4 -25.49 -12.95 -19.75
CA THR A 4 -26.77 -13.60 -19.76
C THR A 4 -26.72 -14.78 -18.78
N TRP A 5 -27.87 -15.34 -18.44
CA TRP A 5 -27.86 -16.61 -17.75
C TRP A 5 -26.92 -17.62 -18.43
N GLU A 6 -26.80 -17.82 -19.72
CA GLU A 6 -25.98 -18.82 -20.39
C GLU A 6 -24.48 -18.52 -20.26
N ASP A 7 -24.06 -17.25 -20.27
CA ASP A 7 -22.72 -16.95 -19.82
C ASP A 7 -22.44 -17.46 -18.40
N ILE A 8 -23.35 -17.23 -17.43
CA ILE A 8 -23.11 -17.65 -16.08
C ILE A 8 -23.11 -19.13 -15.97
N ALA A 9 -24.16 -19.78 -16.46
CA ALA A 9 -24.24 -21.25 -16.38
C ALA A 9 -23.06 -21.94 -17.08
N ASN A 10 -22.43 -21.48 -18.17
CA ASN A 10 -21.27 -22.25 -18.69
C ASN A 10 -19.90 -21.74 -18.26
N ASP A 11 -19.95 -20.99 -17.14
CA ASP A 11 -18.88 -20.20 -16.59
C ASP A 11 -17.67 -21.11 -16.30
N ASP A 12 -17.87 -22.27 -15.69
CA ASP A 12 -16.69 -23.15 -15.59
C ASP A 12 -16.03 -23.42 -16.95
N LYS A 13 -16.64 -23.51 -18.10
CA LYS A 13 -15.89 -23.81 -19.33
C LYS A 13 -15.22 -22.77 -20.24
N THR A 14 -15.65 -21.54 -20.15
CA THR A 14 -15.33 -20.43 -21.00
C THR A 14 -13.98 -20.01 -20.46
N THR A 15 -12.74 -20.25 -20.89
CA THR A 15 -11.52 -19.65 -20.37
C THR A 15 -11.29 -18.14 -20.51
N GLY A 16 -12.22 -17.59 -21.27
CA GLY A 16 -12.18 -16.16 -21.54
C GLY A 16 -12.64 -15.22 -20.45
N ASP A 17 -13.67 -15.54 -19.65
CA ASP A 17 -14.07 -14.60 -18.59
C ASP A 17 -14.03 -15.16 -17.19
N VAL A 18 -14.36 -14.51 -16.09
CA VAL A 18 -14.64 -15.09 -14.76
C VAL A 18 -15.89 -14.37 -14.20
N LEU A 19 -17.03 -15.03 -14.03
CA LEU A 19 -18.26 -14.29 -13.69
C LEU A 19 -18.79 -14.41 -12.25
N GLN A 20 -18.13 -15.19 -11.38
CA GLN A 20 -18.68 -15.35 -10.06
C GLN A 20 -17.67 -16.02 -9.15
N TYR A 21 -17.94 -15.87 -7.86
CA TYR A 21 -17.13 -16.49 -6.82
C TYR A 21 -17.25 -18.04 -6.95
N GLY A 22 -16.11 -18.67 -7.14
CA GLY A 22 -15.98 -20.10 -7.33
C GLY A 22 -15.73 -20.49 -8.77
N MET A 23 -15.65 -19.61 -9.72
CA MET A 23 -15.48 -19.84 -11.14
C MET A 23 -16.42 -20.84 -11.79
N GLY A 24 -17.63 -20.95 -11.35
CA GLY A 24 -18.73 -21.75 -11.79
C GLY A 24 -19.78 -21.86 -10.70
N THR A 25 -20.95 -22.32 -11.06
CA THR A 25 -22.11 -22.56 -10.22
C THR A 25 -21.81 -23.72 -9.29
N HIS A 26 -20.86 -24.60 -9.65
CA HIS A 26 -20.51 -25.67 -8.74
C HIS A 26 -19.34 -25.29 -7.81
N ALA A 27 -18.77 -24.10 -7.91
CA ALA A 27 -17.65 -23.68 -7.06
C ALA A 27 -16.37 -24.49 -7.07
N GLN A 28 -16.03 -25.15 -8.16
CA GLN A 28 -14.82 -25.94 -8.29
C GLN A 28 -13.46 -25.27 -8.31
N ARG A 29 -13.23 -24.08 -8.74
CA ARG A 29 -11.98 -23.35 -8.77
C ARG A 29 -10.99 -24.12 -9.62
N TRP A 30 -11.48 -24.62 -10.71
CA TRP A 30 -10.87 -25.39 -11.78
C TRP A 30 -10.97 -24.70 -13.14
N SER A 31 -9.83 -24.65 -13.75
CA SER A 31 -9.54 -24.20 -15.08
C SER A 31 -8.83 -25.17 -16.05
N PRO A 32 -9.41 -25.39 -17.20
CA PRO A 32 -8.81 -26.20 -18.25
C PRO A 32 -7.65 -25.51 -18.96
N LEU A 33 -7.25 -24.25 -18.75
CA LEU A 33 -5.99 -23.68 -19.23
C LEU A 33 -4.77 -24.46 -18.80
N LYS A 34 -3.86 -24.51 -19.73
CA LYS A 34 -2.66 -25.38 -19.77
C LYS A 34 -1.48 -24.62 -20.39
N GLN A 35 -1.69 -23.32 -20.66
CA GLN A 35 -0.58 -22.56 -21.23
C GLN A 35 0.51 -22.56 -20.15
N VAL A 36 0.12 -22.26 -18.90
CA VAL A 36 1.08 -22.25 -17.80
C VAL A 36 0.99 -23.68 -17.25
N ASN A 37 2.13 -24.35 -17.12
CA ASN A 37 2.11 -25.73 -16.67
C ASN A 37 3.27 -26.11 -15.76
N ALA A 38 3.39 -27.36 -15.30
CA ALA A 38 4.48 -27.76 -14.47
C ALA A 38 5.86 -27.69 -15.12
N ASP A 39 6.03 -27.70 -16.42
CA ASP A 39 7.39 -27.61 -16.97
C ASP A 39 7.92 -26.18 -17.21
N ASN A 40 7.04 -25.19 -17.38
CA ASN A 40 7.40 -23.83 -17.73
C ASN A 40 7.06 -22.85 -16.61
N VAL A 41 6.35 -23.29 -15.57
CA VAL A 41 5.98 -22.46 -14.45
C VAL A 41 7.08 -21.63 -13.81
N PHE A 42 8.33 -22.00 -13.75
CA PHE A 42 9.41 -21.26 -13.20
C PHE A 42 9.69 -19.99 -13.98
N LYS A 43 9.06 -19.68 -15.13
CA LYS A 43 9.35 -18.41 -15.76
C LYS A 43 8.26 -17.36 -15.48
N LEU A 44 7.28 -17.73 -14.66
CA LEU A 44 6.13 -16.81 -14.52
C LEU A 44 6.64 -15.53 -13.87
N THR A 45 6.12 -14.39 -14.34
CA THR A 45 6.52 -13.06 -13.95
C THR A 45 5.42 -12.05 -13.84
N PRO A 46 5.57 -11.09 -12.95
CA PRO A 46 4.54 -10.04 -12.77
C PRO A 46 4.28 -9.28 -14.06
N ALA A 47 3.06 -8.93 -14.38
CA ALA A 47 2.72 -8.14 -15.54
C ALA A 47 2.41 -6.69 -15.21
N TRP A 48 1.93 -6.34 -14.04
CA TRP A 48 1.52 -5.03 -13.62
C TRP A 48 0.95 -5.19 -12.19
N SER A 49 0.96 -4.08 -11.46
CA SER A 49 0.26 -4.01 -10.19
C SER A 49 -0.63 -2.77 -10.18
N TYR A 50 -1.68 -2.75 -9.38
CA TYR A 50 -2.51 -1.59 -9.07
C TYR A 50 -2.58 -1.35 -7.56
N SER A 51 -2.28 -0.12 -7.12
CA SER A 51 -2.44 0.15 -5.68
C SER A 51 -3.82 0.73 -5.33
N PHE A 52 -4.47 0.11 -4.32
CA PHE A 52 -5.76 0.59 -3.82
C PHE A 52 -5.63 1.94 -3.12
N GLY A 53 -4.50 2.36 -2.53
CA GLY A 53 -4.43 3.62 -1.85
C GLY A 53 -5.56 3.87 -0.83
N ASP A 54 -5.78 5.20 -0.64
CA ASP A 54 -6.71 5.88 0.23
C ASP A 54 -6.25 5.83 1.67
N GLU A 55 -5.10 5.25 1.98
CA GLU A 55 -4.64 5.03 3.34
C GLU A 55 -5.59 4.06 3.99
N LYS A 56 -6.28 3.25 3.18
CA LYS A 56 -7.29 2.33 3.73
C LYS A 56 -6.76 0.93 3.42
N GLN A 57 -6.26 0.21 4.44
CA GLN A 57 -5.70 -1.11 4.10
C GLN A 57 -6.47 -2.22 4.74
N ARG A 58 -5.91 -2.89 5.76
CA ARG A 58 -6.57 -4.04 6.38
C ARG A 58 -6.80 -5.16 5.34
N GLY A 59 -7.51 -6.23 5.70
CA GLY A 59 -7.60 -7.48 4.94
C GLY A 59 -8.26 -7.35 3.58
N GLN A 60 -7.60 -7.97 2.61
CA GLN A 60 -8.08 -7.94 1.23
C GLN A 60 -8.34 -9.37 0.75
N GLU A 61 -9.60 -9.70 0.79
CA GLU A 61 -10.12 -11.06 0.70
C GLU A 61 -10.80 -11.26 -0.66
N SER A 62 -10.86 -10.25 -1.50
CA SER A 62 -11.69 -10.41 -2.67
C SER A 62 -11.26 -11.35 -3.82
N GLN A 63 -12.30 -12.01 -4.31
CA GLN A 63 -12.12 -12.71 -5.58
C GLN A 63 -12.49 -11.77 -6.73
N ALA A 64 -11.49 -11.36 -7.53
CA ALA A 64 -11.80 -10.59 -8.73
C ALA A 64 -12.78 -11.27 -9.69
N ILE A 65 -13.47 -10.55 -10.58
CA ILE A 65 -14.23 -11.20 -11.64
C ILE A 65 -13.84 -10.51 -12.98
N VAL A 66 -13.86 -11.20 -14.13
CA VAL A 66 -13.41 -10.64 -15.39
C VAL A 66 -14.41 -10.79 -16.53
N SER A 67 -14.56 -9.88 -17.46
CA SER A 67 -15.43 -10.03 -18.64
C SER A 67 -15.19 -8.88 -19.59
N ASP A 68 -15.35 -9.01 -20.91
CA ASP A 68 -14.89 -8.09 -21.93
C ASP A 68 -13.46 -7.63 -21.55
N GLY A 69 -13.16 -6.31 -21.65
CA GLY A 69 -11.72 -6.36 -21.16
C GLY A 69 -11.53 -6.04 -19.70
N VAL A 70 -12.41 -6.12 -18.73
CA VAL A 70 -12.33 -5.42 -17.46
C VAL A 70 -12.35 -6.29 -16.22
N ILE A 71 -11.50 -6.01 -15.28
CA ILE A 71 -11.42 -6.63 -13.99
C ILE A 71 -12.24 -5.83 -12.98
N TYR A 72 -13.23 -6.43 -12.35
CA TYR A 72 -13.96 -5.79 -11.22
C TYR A 72 -13.46 -6.40 -9.90
N VAL A 73 -12.79 -5.68 -9.01
CA VAL A 73 -12.25 -6.13 -7.76
C VAL A 73 -12.81 -5.33 -6.59
N THR A 74 -12.98 -5.93 -5.41
CA THR A 74 -13.59 -5.30 -4.23
C THR A 74 -12.51 -4.96 -3.21
N ALA A 75 -12.59 -3.90 -2.43
CA ALA A 75 -11.51 -3.67 -1.44
C ALA A 75 -12.07 -3.50 -0.04
N SER A 76 -11.18 -3.53 0.90
CA SER A 76 -11.52 -3.30 2.32
C SER A 76 -12.26 -2.00 2.38
N TYR A 77 -12.98 -1.80 3.43
CA TYR A 77 -13.81 -0.62 3.70
C TYR A 77 -14.83 -0.27 2.64
N SER A 78 -15.51 -1.29 2.09
CA SER A 78 -16.56 -1.13 1.08
C SER A 78 -16.15 -0.31 -0.11
N ARG A 79 -15.35 -0.75 -1.07
CA ARG A 79 -14.95 0.02 -2.21
C ARG A 79 -14.87 -0.95 -3.40
N LEU A 80 -15.21 -0.51 -4.62
CA LEU A 80 -15.18 -1.27 -5.82
C LEU A 80 -14.37 -0.56 -6.89
N PHE A 81 -13.50 -1.33 -7.54
CA PHE A 81 -12.54 -0.89 -8.53
C PHE A 81 -12.67 -1.66 -9.84
N ALA A 82 -12.79 -0.93 -10.96
CA ALA A 82 -12.78 -1.44 -12.32
C ALA A 82 -11.54 -0.94 -13.10
N LEU A 83 -10.76 -1.93 -13.46
CA LEU A 83 -9.41 -1.93 -13.98
C LEU A 83 -9.30 -2.55 -15.38
N ASP A 84 -8.56 -1.97 -16.27
CA ASP A 84 -8.32 -2.50 -17.62
C ASP A 84 -7.45 -3.75 -17.51
N ALA A 85 -7.92 -4.87 -18.00
CA ALA A 85 -7.21 -6.13 -17.80
C ALA A 85 -5.84 -6.20 -18.43
N LYS A 86 -5.45 -5.45 -19.44
CA LYS A 86 -4.15 -5.64 -20.08
C LYS A 86 -3.11 -4.73 -19.45
N THR A 87 -3.60 -3.54 -19.26
CA THR A 87 -2.78 -2.38 -18.77
C THR A 87 -3.06 -2.28 -17.32
N GLY A 88 -2.54 -1.88 -16.18
CA GLY A 88 -3.60 -2.04 -15.07
C GLY A 88 -4.41 -0.74 -14.94
N LYS A 89 -4.77 0.09 -15.88
CA LYS A 89 -5.26 1.43 -15.66
C LYS A 89 -6.65 1.46 -15.07
N ARG A 90 -6.83 2.38 -14.10
CA ARG A 90 -8.11 2.46 -13.43
C ARG A 90 -9.21 3.02 -14.31
N LEU A 91 -10.33 2.34 -14.52
CA LEU A 91 -11.45 2.91 -15.24
C LEU A 91 -12.38 3.68 -14.29
N TRP A 92 -12.91 3.15 -13.21
CA TRP A 92 -13.74 3.95 -12.33
C TRP A 92 -13.67 3.36 -10.91
N THR A 93 -14.04 4.13 -9.91
CA THR A 93 -14.17 3.69 -8.56
C THR A 93 -15.52 4.05 -7.96
N TYR A 94 -16.02 3.36 -6.97
CA TYR A 94 -17.18 3.54 -6.15
C TYR A 94 -16.76 3.23 -4.71
N ASN A 95 -16.85 4.25 -3.88
CA ASN A 95 -16.59 4.24 -2.48
C ASN A 95 -17.98 4.44 -1.87
N HIS A 96 -18.49 3.50 -1.13
CA HIS A 96 -19.72 3.62 -0.37
C HIS A 96 -19.56 4.50 0.84
N ARG A 97 -20.47 5.40 1.20
CA ARG A 97 -20.18 6.14 2.44
C ARG A 97 -20.53 5.25 3.60
N LEU A 98 -19.65 4.95 4.52
CA LEU A 98 -19.89 4.12 5.68
C LEU A 98 -20.11 5.04 6.89
N PRO A 99 -20.99 4.59 7.78
CA PRO A 99 -21.19 5.17 9.07
C PRO A 99 -20.07 4.81 10.00
N ASP A 100 -19.93 5.53 11.10
CA ASP A 100 -18.83 5.39 12.05
C ASP A 100 -18.94 4.20 12.96
N ASP A 101 -20.15 3.68 13.08
CA ASP A 101 -20.56 2.62 13.97
C ASP A 101 -21.02 1.30 13.38
N ILE A 102 -20.46 0.86 12.29
CA ILE A 102 -20.60 -0.51 11.78
C ILE A 102 -19.83 -1.45 12.71
N ARG A 103 -20.15 -2.71 12.85
CA ARG A 103 -19.37 -3.62 13.66
C ARG A 103 -19.20 -5.02 13.06
N PRO A 104 -18.42 -5.13 11.99
CA PRO A 104 -18.03 -6.45 11.46
C PRO A 104 -17.24 -7.20 12.52
N CYS A 105 -17.24 -8.50 12.64
CA CYS A 105 -16.53 -9.17 13.71
C CYS A 105 -15.04 -9.40 13.52
N CYS A 106 -14.66 -9.64 12.27
CA CYS A 106 -13.46 -10.22 11.76
C CYS A 106 -12.69 -9.59 10.62
N ASP A 107 -12.66 -8.26 10.69
CA ASP A 107 -12.01 -7.30 9.87
C ASP A 107 -12.95 -6.68 8.81
N VAL A 108 -12.61 -5.50 8.31
CA VAL A 108 -13.36 -4.80 7.30
C VAL A 108 -13.35 -5.27 5.83
N VAL A 109 -13.65 -6.54 5.56
CA VAL A 109 -13.40 -7.25 4.33
C VAL A 109 -14.62 -7.58 3.48
N ASN A 110 -14.29 -7.89 2.23
CA ASN A 110 -15.18 -8.27 1.18
C ASN A 110 -14.67 -9.35 0.27
N ARG A 111 -15.47 -10.24 -0.17
CA ARG A 111 -15.06 -11.44 -0.88
C ARG A 111 -15.36 -11.45 -2.37
N GLY A 112 -16.01 -10.45 -2.91
CA GLY A 112 -16.41 -10.27 -4.26
C GLY A 112 -17.82 -9.77 -4.71
N ALA A 113 -17.89 -9.34 -5.94
CA ALA A 113 -18.99 -8.88 -6.68
C ALA A 113 -19.58 -10.01 -7.54
N ALA A 114 -20.73 -9.67 -8.17
CA ALA A 114 -21.30 -10.62 -9.05
C ALA A 114 -21.65 -9.86 -10.35
N ILE A 115 -22.11 -10.51 -11.36
CA ILE A 115 -22.46 -9.77 -12.55
C ILE A 115 -23.58 -10.41 -13.33
N TYR A 116 -24.34 -9.47 -13.86
CA TYR A 116 -25.46 -9.86 -14.71
C TYR A 116 -25.93 -8.69 -15.58
N GLY A 117 -26.29 -8.94 -16.84
CA GLY A 117 -26.60 -7.87 -17.77
C GLY A 117 -25.61 -6.75 -17.94
N ASP A 118 -25.96 -5.50 -17.66
CA ASP A 118 -25.06 -4.35 -17.69
C ASP A 118 -24.69 -3.94 -16.27
N LYS A 119 -24.84 -4.92 -15.34
CA LYS A 119 -24.60 -4.54 -13.95
C LYS A 119 -23.66 -5.33 -13.06
N VAL A 120 -23.00 -4.59 -12.13
CA VAL A 120 -22.19 -5.26 -11.13
C VAL A 120 -22.89 -5.00 -9.74
N PHE A 121 -22.60 -6.04 -8.95
CA PHE A 121 -23.23 -6.15 -7.65
C PHE A 121 -22.30 -6.51 -6.50
N PHE A 122 -22.45 -5.91 -5.30
CA PHE A 122 -21.68 -6.33 -4.11
C PHE A 122 -22.33 -5.99 -2.79
N GLY A 123 -21.99 -6.69 -1.71
CA GLY A 123 -22.48 -6.35 -0.36
C GLY A 123 -21.55 -5.30 0.28
N THR A 124 -21.92 -4.42 1.16
CA THR A 124 -21.37 -3.46 1.99
C THR A 124 -21.47 -3.70 3.52
N LEU A 125 -20.54 -3.09 4.29
CA LEU A 125 -20.44 -3.34 5.72
C LEU A 125 -21.50 -2.78 6.67
N ASP A 126 -22.46 -2.02 6.24
CA ASP A 126 -23.53 -1.45 7.02
C ASP A 126 -24.84 -2.17 6.72
N ALA A 127 -24.74 -3.39 6.29
CA ALA A 127 -25.64 -4.30 5.68
C ALA A 127 -26.54 -3.75 4.58
N SER A 128 -25.94 -3.51 3.43
CA SER A 128 -26.64 -3.11 2.23
C SER A 128 -26.08 -3.96 1.09
N VAL A 129 -26.81 -3.96 0.00
CA VAL A 129 -26.53 -4.48 -1.29
C VAL A 129 -26.63 -3.29 -2.28
N VAL A 130 -25.63 -3.16 -3.16
CA VAL A 130 -25.62 -2.07 -4.09
C VAL A 130 -25.57 -2.51 -5.55
N ALA A 131 -26.25 -1.76 -6.42
CA ALA A 131 -26.10 -2.10 -7.84
C ALA A 131 -25.51 -0.96 -8.68
N LEU A 132 -24.44 -1.34 -9.43
CA LEU A 132 -23.73 -0.36 -10.25
C LEU A 132 -23.75 -0.57 -11.76
N ASN A 133 -23.88 0.51 -12.57
CA ASN A 133 -23.84 0.32 -14.01
C ASN A 133 -22.46 -0.21 -14.45
N LYS A 134 -22.22 -1.26 -15.15
CA LYS A 134 -20.94 -1.83 -15.50
C LYS A 134 -19.94 -0.88 -16.21
N ASN A 135 -20.45 0.01 -17.09
CA ASN A 135 -19.62 0.82 -17.96
C ASN A 135 -19.08 2.05 -17.28
N THR A 136 -19.86 2.59 -16.42
CA THR A 136 -19.39 3.51 -15.44
C THR A 136 -19.68 3.08 -14.00
N GLY A 137 -19.52 3.91 -12.97
CA GLY A 137 -19.81 3.19 -11.70
C GLY A 137 -21.07 3.84 -11.16
N LYS A 138 -21.97 4.33 -11.99
CA LYS A 138 -23.06 4.97 -11.25
C LYS A 138 -23.98 3.95 -10.52
N VAL A 139 -24.46 4.34 -9.37
CA VAL A 139 -25.46 3.57 -8.69
C VAL A 139 -26.82 3.48 -9.37
N VAL A 140 -27.32 2.29 -9.64
CA VAL A 140 -28.68 2.06 -10.15
C VAL A 140 -29.75 1.91 -9.09
N TRP A 141 -29.56 1.16 -7.99
CA TRP A 141 -30.36 0.92 -6.86
C TRP A 141 -29.44 0.53 -5.68
N LYS A 142 -29.99 0.56 -4.45
CA LYS A 142 -29.27 0.14 -3.28
C LYS A 142 -30.21 -0.06 -2.13
N LYS A 143 -30.17 -1.17 -1.39
CA LYS A 143 -31.14 -1.67 -0.43
C LYS A 143 -30.43 -1.92 0.89
N LYS A 144 -30.72 -1.28 1.98
CA LYS A 144 -30.12 -1.43 3.31
C LYS A 144 -31.02 -2.54 3.87
N PHE A 145 -30.55 -3.74 4.17
CA PHE A 145 -31.56 -4.79 4.40
C PHE A 145 -31.65 -5.12 5.87
N ALA A 146 -30.87 -4.47 6.73
CA ALA A 146 -30.93 -4.80 8.13
C ALA A 146 -30.21 -3.66 8.82
N ASP A 147 -30.23 -3.68 10.13
CA ASP A 147 -29.63 -2.66 10.97
C ASP A 147 -28.22 -2.90 11.44
N HIS A 148 -27.18 -2.22 10.97
CA HIS A 148 -25.83 -2.41 11.46
C HIS A 148 -25.53 -2.15 12.96
N GLY A 149 -26.33 -1.25 13.53
CA GLY A 149 -26.21 -0.92 14.96
C GLY A 149 -26.54 -2.13 15.82
N ALA A 150 -27.38 -3.08 15.33
CA ALA A 150 -27.66 -4.24 16.12
C ALA A 150 -26.70 -5.41 15.80
N GLY A 151 -25.75 -5.17 14.92
CA GLY A 151 -24.79 -6.19 14.62
C GLY A 151 -24.88 -6.86 13.30
N TYR A 152 -25.74 -6.55 12.38
CA TYR A 152 -25.75 -7.17 11.07
C TYR A 152 -24.69 -6.51 10.21
N THR A 153 -23.95 -7.21 9.38
CA THR A 153 -23.15 -6.74 8.28
C THR A 153 -23.41 -7.60 7.00
N MET A 154 -22.53 -7.47 6.02
CA MET A 154 -22.36 -8.31 4.89
C MET A 154 -20.86 -8.39 4.46
N THR A 155 -20.31 -9.60 4.16
CA THR A 155 -18.89 -9.77 3.85
C THR A 155 -18.71 -10.65 2.61
N GLY A 156 -19.58 -11.67 2.37
CA GLY A 156 -19.61 -12.64 1.32
C GLY A 156 -20.10 -12.10 -0.05
N ALA A 157 -19.63 -12.71 -1.15
CA ALA A 157 -19.93 -12.48 -2.56
C ALA A 157 -21.40 -12.91 -2.67
N PRO A 158 -22.24 -12.15 -3.36
CA PRO A 158 -23.57 -12.56 -3.82
C PRO A 158 -23.35 -13.47 -4.98
N THR A 159 -24.48 -14.06 -5.53
CA THR A 159 -24.38 -14.93 -6.74
C THR A 159 -25.62 -14.80 -7.59
N ILE A 160 -25.77 -15.21 -8.80
CA ILE A 160 -26.91 -15.12 -9.68
C ILE A 160 -27.47 -16.49 -10.03
N VAL A 161 -28.79 -16.55 -10.01
CA VAL A 161 -29.46 -17.84 -10.25
C VAL A 161 -30.65 -17.70 -11.19
N LYS A 162 -30.94 -18.85 -11.83
CA LYS A 162 -32.15 -18.91 -12.62
C LYS A 162 -33.10 -19.96 -12.09
N ASP A 163 -34.22 -19.56 -11.53
CA ASP A 163 -35.24 -20.55 -11.19
C ASP A 163 -35.78 -21.14 -12.49
N GLY A 164 -35.64 -22.44 -12.55
CA GLY A 164 -36.07 -23.23 -13.69
C GLY A 164 -37.57 -23.35 -13.93
N LYS A 165 -38.36 -23.23 -12.89
CA LYS A 165 -39.79 -23.31 -12.90
C LYS A 165 -40.54 -22.10 -13.41
N THR A 166 -40.14 -20.97 -12.88
CA THR A 166 -40.64 -19.62 -13.01
C THR A 166 -39.99 -18.86 -14.13
N GLY A 167 -38.77 -19.24 -14.53
CA GLY A 167 -38.01 -18.60 -15.58
C GLY A 167 -37.24 -17.37 -15.14
N LYS A 168 -37.48 -16.84 -13.96
CA LYS A 168 -36.93 -15.66 -13.42
C LYS A 168 -35.48 -15.72 -12.92
N VAL A 169 -34.74 -14.67 -13.15
CA VAL A 169 -33.33 -14.58 -12.77
C VAL A 169 -33.20 -13.94 -11.41
N LEU A 170 -32.55 -14.51 -10.43
CA LEU A 170 -32.51 -13.94 -9.08
C LEU A 170 -31.11 -13.56 -8.59
N LEU A 171 -31.07 -12.52 -7.72
CA LEU A 171 -29.80 -12.20 -7.04
C LEU A 171 -30.02 -12.78 -5.64
N ILE A 172 -29.14 -13.69 -5.26
CA ILE A 172 -29.01 -14.34 -3.97
C ILE A 172 -27.92 -13.79 -3.07
N HIS A 173 -28.22 -13.41 -1.82
CA HIS A 173 -27.23 -12.94 -0.86
C HIS A 173 -27.56 -13.31 0.57
N GLY A 174 -26.55 -13.51 1.43
CA GLY A 174 -26.74 -13.82 2.85
C GLY A 174 -26.55 -12.58 3.78
N SER A 175 -26.16 -12.78 4.99
CA SER A 175 -25.99 -11.80 6.03
C SER A 175 -24.91 -12.43 6.92
N SER A 176 -24.42 -11.63 7.83
CA SER A 176 -23.36 -11.86 8.77
C SER A 176 -23.75 -11.17 10.11
N GLY A 177 -23.22 -11.78 11.19
CA GLY A 177 -23.45 -11.29 12.51
C GLY A 177 -23.75 -12.35 13.55
N ASP A 178 -23.24 -13.59 13.51
CA ASP A 178 -23.61 -14.48 14.61
C ASP A 178 -23.05 -14.11 15.97
N GLU A 179 -21.88 -13.45 16.09
CA GLU A 179 -21.29 -13.09 17.35
C GLU A 179 -21.97 -11.91 18.04
N PHE A 180 -22.99 -11.35 17.40
CA PHE A 180 -23.69 -10.22 17.99
C PHE A 180 -25.14 -10.57 18.28
N GLY A 181 -25.52 -11.82 18.17
CA GLY A 181 -26.91 -12.13 18.46
C GLY A 181 -27.87 -11.78 17.35
N VAL A 182 -27.76 -12.31 16.16
CA VAL A 182 -28.70 -11.97 15.07
C VAL A 182 -29.53 -13.14 14.62
N VAL A 183 -30.54 -13.00 13.80
CA VAL A 183 -31.30 -14.07 13.18
C VAL A 183 -30.70 -14.14 11.76
N GLY A 184 -29.92 -15.18 11.55
CA GLY A 184 -29.34 -15.34 10.19
C GLY A 184 -30.28 -15.34 9.00
N ARG A 185 -30.22 -14.49 7.97
CA ARG A 185 -31.23 -14.56 6.90
C ARG A 185 -30.79 -14.73 5.47
N LEU A 186 -31.41 -15.47 4.58
CA LEU A 186 -31.00 -15.54 3.17
C LEU A 186 -32.03 -14.74 2.37
N PHE A 187 -31.65 -14.04 1.30
CA PHE A 187 -32.55 -13.19 0.52
C PHE A 187 -32.35 -13.45 -1.00
N ALA A 188 -33.50 -13.30 -1.73
CA ALA A 188 -33.50 -13.37 -3.20
C ALA A 188 -34.10 -12.01 -3.67
N ARG A 189 -33.47 -11.39 -4.65
CA ARG A 189 -33.86 -10.09 -5.10
C ARG A 189 -33.87 -10.04 -6.64
N ASP A 190 -34.74 -9.20 -7.19
CA ASP A 190 -34.72 -8.88 -8.59
C ASP A 190 -33.46 -8.07 -8.86
N PRO A 191 -32.86 -8.57 -9.93
CA PRO A 191 -31.58 -7.95 -10.37
C PRO A 191 -31.71 -6.54 -10.85
N ASP A 192 -32.72 -6.12 -11.58
CA ASP A 192 -32.90 -4.78 -12.04
C ASP A 192 -33.53 -3.89 -10.99
N THR A 193 -34.41 -4.31 -10.09
CA THR A 193 -34.93 -3.30 -9.16
C THR A 193 -34.34 -3.37 -7.76
N GLY A 194 -33.85 -4.48 -7.27
CA GLY A 194 -33.31 -4.62 -5.92
C GLY A 194 -34.32 -5.20 -4.95
N GLU A 195 -35.57 -5.27 -5.38
CA GLU A 195 -36.78 -5.68 -4.69
C GLU A 195 -36.78 -7.06 -4.05
N GLU A 196 -36.96 -7.13 -2.72
CA GLU A 196 -37.07 -8.45 -2.12
C GLU A 196 -38.06 -9.40 -2.80
N ILE A 197 -37.67 -10.49 -3.44
CA ILE A 197 -38.57 -11.57 -3.83
C ILE A 197 -38.94 -12.45 -2.65
N TRP A 198 -37.99 -12.88 -1.81
CA TRP A 198 -38.23 -13.74 -0.65
C TRP A 198 -37.15 -13.53 0.44
N MET A 199 -37.32 -13.88 1.67
CA MET A 199 -36.42 -13.82 2.79
C MET A 199 -36.74 -15.07 3.64
N ARG A 200 -35.78 -15.88 3.93
CA ARG A 200 -35.83 -17.05 4.77
C ARG A 200 -34.92 -17.06 5.97
N PRO A 201 -35.40 -17.24 7.15
CA PRO A 201 -34.59 -17.28 8.40
C PRO A 201 -34.09 -18.70 8.64
N PHE A 202 -32.85 -18.83 9.17
CA PHE A 202 -32.26 -20.15 9.32
C PHE A 202 -32.30 -20.69 10.77
N VAL A 203 -32.93 -19.89 11.66
CA VAL A 203 -33.27 -20.36 12.97
C VAL A 203 -34.70 -20.92 13.01
N GLU A 204 -34.94 -22.13 13.54
CA GLU A 204 -36.19 -22.81 13.56
C GLU A 204 -37.37 -22.05 14.22
N GLY A 205 -38.52 -21.92 13.55
CA GLY A 205 -39.67 -21.32 14.10
C GLY A 205 -39.81 -19.82 13.78
N HIS A 206 -38.88 -19.22 13.01
CA HIS A 206 -38.95 -17.83 12.64
C HIS A 206 -39.71 -17.71 11.33
N MET A 207 -40.40 -16.58 11.16
CA MET A 207 -41.23 -16.39 9.96
C MET A 207 -40.52 -15.97 8.69
N GLY A 208 -40.90 -16.58 7.56
CA GLY A 208 -40.34 -16.14 6.27
C GLY A 208 -41.15 -15.03 5.61
N ARG A 209 -40.78 -14.59 4.41
CA ARG A 209 -41.50 -13.65 3.58
C ARG A 209 -41.42 -14.11 2.11
N LEU A 210 -42.42 -13.82 1.34
CA LEU A 210 -42.50 -14.16 -0.08
C LEU A 210 -43.21 -13.02 -0.80
N ASN A 211 -42.74 -12.19 -1.69
CA ASN A 211 -43.45 -11.06 -2.30
C ASN A 211 -43.90 -9.97 -1.36
N GLY A 212 -43.14 -9.59 -0.34
CA GLY A 212 -43.29 -8.64 0.65
C GLY A 212 -44.22 -8.93 1.81
N LYS A 213 -44.77 -10.15 1.81
CA LYS A 213 -45.76 -10.39 2.87
C LYS A 213 -45.21 -11.56 3.66
N ASP A 214 -45.49 -11.73 4.91
CA ASP A 214 -45.21 -12.96 5.63
C ASP A 214 -45.61 -14.24 4.93
N SER A 215 -44.80 -15.25 4.87
CA SER A 215 -45.12 -16.47 4.10
C SER A 215 -45.27 -17.66 5.01
N THR A 216 -44.22 -18.48 5.10
CA THR A 216 -44.19 -19.63 5.99
C THR A 216 -43.12 -19.60 7.05
N VAL A 217 -43.21 -20.53 7.99
CA VAL A 217 -42.28 -20.65 9.13
C VAL A 217 -41.20 -21.67 8.80
N THR A 218 -39.97 -21.37 9.28
CA THR A 218 -38.96 -22.36 9.04
C THR A 218 -39.19 -23.55 9.99
N GLY A 219 -39.39 -24.66 9.32
CA GLY A 219 -39.59 -25.88 10.18
C GLY A 219 -40.83 -25.75 11.06
N ASP A 220 -40.91 -26.45 12.15
CA ASP A 220 -41.93 -26.41 13.16
C ASP A 220 -42.04 -25.09 13.91
N VAL A 221 -43.21 -24.54 14.11
CA VAL A 221 -43.54 -23.34 14.79
C VAL A 221 -43.08 -23.34 16.24
N LYS A 222 -43.16 -24.43 16.94
CA LYS A 222 -42.82 -24.53 18.36
C LYS A 222 -41.34 -24.61 18.66
N ALA A 223 -40.53 -24.77 17.59
CA ALA A 223 -39.10 -24.88 17.61
C ALA A 223 -38.63 -25.80 18.76
N PRO A 224 -38.98 -27.07 18.72
CA PRO A 224 -38.63 -28.02 19.77
C PRO A 224 -37.15 -28.22 20.00
N SER A 225 -36.27 -27.94 19.09
CA SER A 225 -34.84 -28.09 19.25
C SER A 225 -34.24 -26.94 20.05
N TRP A 226 -34.94 -25.89 20.40
CA TRP A 226 -34.56 -24.76 21.23
C TRP A 226 -35.33 -24.83 22.54
N PRO A 227 -34.66 -24.60 23.66
CA PRO A 227 -35.37 -24.74 24.95
C PRO A 227 -36.53 -23.78 25.15
N ASP A 228 -37.60 -24.32 25.76
CA ASP A 228 -38.79 -23.59 26.17
C ASP A 228 -38.65 -22.70 27.40
N ASP A 229 -39.51 -21.68 27.40
CA ASP A 229 -39.47 -20.85 28.62
C ASP A 229 -40.81 -20.20 28.88
N ARG A 230 -41.65 -20.87 29.66
CA ARG A 230 -42.87 -20.25 30.21
C ARG A 230 -42.36 -19.05 30.99
N ASN A 231 -42.94 -17.90 31.13
CA ASN A 231 -42.37 -16.78 31.86
C ASN A 231 -41.58 -15.86 30.90
N SER A 232 -41.36 -16.28 29.67
CA SER A 232 -40.77 -15.44 28.64
C SER A 232 -41.91 -15.09 27.68
N PRO A 233 -41.87 -13.92 27.09
CA PRO A 233 -42.87 -13.45 26.16
C PRO A 233 -42.99 -14.17 24.83
N THR A 234 -41.96 -14.82 24.35
CA THR A 234 -41.92 -15.57 23.12
C THR A 234 -42.30 -16.99 23.38
N GLY A 235 -42.29 -17.49 24.60
CA GLY A 235 -42.44 -18.92 24.87
C GLY A 235 -41.13 -19.72 24.87
N LYS A 236 -40.01 -19.00 24.56
CA LYS A 236 -38.75 -19.66 24.42
C LYS A 236 -37.66 -18.96 25.21
N VAL A 237 -36.60 -19.68 25.47
CA VAL A 237 -35.37 -19.17 26.11
C VAL A 237 -34.87 -18.03 25.28
N GLU A 238 -34.24 -17.01 25.78
CA GLU A 238 -33.76 -15.80 25.21
C GLU A 238 -32.95 -15.96 23.91
N SER A 239 -32.09 -16.98 23.88
CA SER A 239 -31.20 -17.22 22.79
C SER A 239 -31.91 -17.55 21.47
N TRP A 240 -33.17 -17.97 21.44
CA TRP A 240 -33.94 -18.25 20.26
C TRP A 240 -34.32 -17.00 19.41
N SER A 241 -34.34 -15.87 20.08
CA SER A 241 -34.49 -14.59 19.47
C SER A 241 -33.16 -14.13 18.94
N HIS A 242 -32.02 -14.65 19.38
CA HIS A 242 -30.72 -14.17 18.91
C HIS A 242 -29.85 -15.32 18.36
N GLY A 243 -30.55 -16.26 17.69
CA GLY A 243 -29.94 -17.54 17.54
C GLY A 243 -28.91 -17.81 16.50
N GLY A 244 -28.77 -16.89 15.55
CA GLY A 244 -27.75 -17.06 14.55
C GLY A 244 -28.00 -17.87 13.32
N GLY A 245 -26.98 -18.63 12.89
CA GLY A 245 -27.02 -19.52 11.74
C GLY A 245 -27.04 -18.67 10.47
N ALA A 246 -26.31 -17.55 10.51
CA ALA A 246 -26.20 -16.63 9.36
C ALA A 246 -25.37 -17.32 8.23
N PRO A 247 -25.88 -17.10 7.03
CA PRO A 247 -25.23 -17.56 5.82
C PRO A 247 -24.28 -16.48 5.30
N TRP A 248 -23.15 -16.33 5.93
CA TRP A 248 -22.11 -15.33 5.69
C TRP A 248 -21.16 -15.55 4.51
N GLN A 249 -21.10 -16.69 3.85
CA GLN A 249 -20.28 -17.00 2.70
C GLN A 249 -21.11 -17.06 1.47
N SER A 250 -20.98 -18.01 0.58
CA SER A 250 -21.83 -17.95 -0.63
C SER A 250 -22.55 -19.22 -1.06
N ALA A 251 -23.61 -19.06 -1.83
CA ALA A 251 -24.31 -20.20 -2.41
C ALA A 251 -23.59 -20.88 -3.56
N SER A 252 -23.96 -22.11 -3.88
CA SER A 252 -23.71 -22.94 -5.00
C SER A 252 -25.12 -23.25 -5.59
N PHE A 253 -25.22 -23.55 -6.88
CA PHE A 253 -26.49 -23.75 -7.53
C PHE A 253 -26.52 -24.91 -8.51
N ASP A 254 -27.46 -25.81 -8.34
CA ASP A 254 -27.62 -26.99 -9.20
C ASP A 254 -28.92 -26.81 -9.98
N ALA A 255 -28.78 -26.58 -11.26
CA ALA A 255 -29.82 -26.38 -12.26
C ALA A 255 -30.58 -27.68 -12.58
N GLU A 256 -29.99 -28.86 -12.53
CA GLU A 256 -30.72 -30.08 -12.74
C GLU A 256 -31.83 -30.21 -11.68
N THR A 257 -31.61 -29.91 -10.42
CA THR A 257 -32.77 -30.14 -9.55
C THR A 257 -33.44 -28.84 -9.14
N ASN A 258 -32.95 -27.70 -9.60
CA ASN A 258 -33.47 -26.43 -9.16
C ASN A 258 -33.22 -26.16 -7.69
N THR A 259 -32.04 -26.45 -7.18
CA THR A 259 -31.84 -26.20 -5.71
C THR A 259 -30.69 -25.23 -5.45
N ILE A 260 -30.78 -24.30 -4.56
CA ILE A 260 -29.87 -23.30 -4.07
C ILE A 260 -29.25 -24.03 -2.85
N ILE A 261 -27.93 -24.26 -2.89
CA ILE A 261 -27.27 -25.01 -1.83
C ILE A 261 -26.31 -24.10 -1.11
N VAL A 262 -26.53 -23.80 0.16
CA VAL A 262 -25.76 -22.95 0.98
C VAL A 262 -25.60 -23.50 2.43
N GLY A 263 -24.63 -22.83 3.03
CA GLY A 263 -24.19 -23.11 4.39
C GLY A 263 -24.90 -22.11 5.33
N ALA A 264 -25.16 -22.61 6.57
CA ALA A 264 -25.69 -21.67 7.59
C ALA A 264 -24.69 -21.50 8.71
N GLY A 265 -24.47 -20.31 9.28
CA GLY A 265 -23.44 -20.20 10.33
C GLY A 265 -23.75 -20.77 11.72
N ASN A 266 -22.95 -20.53 12.71
CA ASN A 266 -23.04 -21.00 14.07
C ASN A 266 -24.21 -20.33 14.78
N PRO A 267 -24.66 -21.04 15.81
CA PRO A 267 -25.81 -20.60 16.62
C PRO A 267 -25.31 -19.51 17.58
N GLY A 268 -26.13 -18.59 18.01
CA GLY A 268 -25.60 -17.68 19.05
C GLY A 268 -26.01 -18.01 20.43
N PRO A 269 -25.47 -17.67 21.59
CA PRO A 269 -24.10 -17.49 21.93
C PRO A 269 -23.31 -18.79 21.83
N TRP A 270 -21.99 -18.66 21.93
CA TRP A 270 -21.11 -19.82 21.74
C TRP A 270 -21.48 -20.84 22.85
N ASN A 271 -21.85 -20.29 24.02
CA ASN A 271 -22.15 -21.08 25.20
C ASN A 271 -23.33 -22.05 25.08
N THR A 272 -23.03 -23.34 24.93
CA THR A 272 -23.93 -24.44 24.78
C THR A 272 -25.03 -24.42 25.85
N TRP A 273 -24.79 -24.01 27.09
CA TRP A 273 -25.65 -23.90 28.21
C TRP A 273 -26.75 -22.87 28.12
N ALA A 274 -26.56 -21.86 27.25
CA ALA A 274 -27.68 -20.91 27.03
C ALA A 274 -28.62 -21.47 25.99
N ARG A 275 -28.30 -22.62 25.39
CA ARG A 275 -29.20 -23.25 24.40
C ARG A 275 -29.55 -24.64 24.88
N THR A 276 -29.44 -24.90 26.18
CA THR A 276 -29.85 -26.21 26.74
C THR A 276 -30.81 -25.99 27.86
N ALA A 277 -31.84 -26.74 28.06
CA ALA A 277 -32.69 -26.55 29.25
C ALA A 277 -31.88 -26.62 30.52
N LYS A 278 -32.15 -25.77 31.53
CA LYS A 278 -31.49 -25.84 32.80
C LYS A 278 -31.49 -27.32 33.26
N GLY A 279 -30.30 -27.85 33.48
CA GLY A 279 -30.12 -29.18 33.99
C GLY A 279 -30.45 -30.28 33.02
N GLY A 280 -30.47 -29.99 31.71
CA GLY A 280 -30.84 -31.03 30.74
C GLY A 280 -29.54 -31.40 29.98
N ASN A 281 -29.77 -32.03 28.87
CA ASN A 281 -28.68 -32.50 28.05
C ASN A 281 -28.59 -31.85 26.67
N PRO A 282 -27.39 -31.28 26.44
CA PRO A 282 -27.08 -30.62 25.15
C PRO A 282 -27.49 -31.52 23.99
N HIS A 283 -27.30 -32.83 24.10
CA HIS A 283 -27.79 -33.77 23.12
C HIS A 283 -29.31 -33.68 23.11
N ASP A 284 -29.72 -33.58 21.87
CA ASP A 284 -31.07 -33.37 21.38
C ASP A 284 -31.99 -32.29 22.09
N TYR A 285 -31.31 -31.13 21.92
CA TYR A 285 -31.51 -29.77 21.70
C TYR A 285 -30.40 -29.35 20.67
N ASP A 286 -30.69 -29.53 19.40
CA ASP A 286 -29.93 -29.36 18.22
C ASP A 286 -29.67 -27.97 17.68
N SER A 287 -30.48 -26.99 18.04
CA SER A 287 -30.21 -25.64 17.54
C SER A 287 -30.46 -25.60 16.03
N LEU A 288 -31.60 -26.17 15.63
CA LEU A 288 -31.94 -26.17 14.23
C LEU A 288 -31.97 -24.73 13.63
N TYR A 289 -31.40 -24.70 12.45
CA TYR A 289 -30.83 -24.75 11.23
C TYR A 289 -29.43 -24.23 11.08
N THR A 290 -28.72 -24.30 12.20
CA THR A 290 -27.36 -23.87 12.30
C THR A 290 -26.29 -24.91 12.06
N SER A 291 -25.15 -24.32 11.58
CA SER A 291 -23.91 -25.01 11.28
C SER A 291 -24.08 -26.25 10.41
N GLY A 292 -24.73 -26.10 9.28
CA GLY A 292 -24.96 -27.19 8.34
C GLY A 292 -25.04 -26.60 6.91
N GLN A 293 -25.38 -27.42 5.97
CA GLN A 293 -25.66 -27.17 4.56
C GLN A 293 -27.17 -27.41 4.30
N VAL A 294 -27.78 -26.38 3.75
CA VAL A 294 -29.18 -26.26 3.40
C VAL A 294 -29.51 -26.36 1.92
N GLY A 295 -30.50 -27.11 1.46
CA GLY A 295 -30.90 -27.15 0.05
C GLY A 295 -32.19 -26.23 0.00
N VAL A 296 -32.16 -25.16 -0.82
CA VAL A 296 -33.33 -24.31 -0.83
C VAL A 296 -33.93 -24.11 -2.21
N ASP A 297 -35.27 -23.98 -2.21
CA ASP A 297 -36.12 -23.76 -3.35
C ASP A 297 -36.15 -22.30 -3.76
N PRO A 298 -35.73 -22.06 -4.98
CA PRO A 298 -35.57 -20.72 -5.51
C PRO A 298 -36.88 -19.96 -5.76
N SER A 299 -37.95 -20.73 -5.90
CA SER A 299 -39.29 -20.28 -6.17
C SER A 299 -39.90 -19.62 -4.93
N SER A 300 -39.76 -20.25 -3.77
CA SER A 300 -40.39 -19.73 -2.59
C SER A 300 -39.43 -19.39 -1.45
N GLY A 301 -38.14 -19.72 -1.48
CA GLY A 301 -37.31 -19.52 -0.34
C GLY A 301 -37.50 -20.65 0.70
N GLU A 302 -38.20 -21.70 0.44
CA GLU A 302 -38.36 -22.79 1.39
C GLU A 302 -37.26 -23.82 1.39
N VAL A 303 -37.08 -24.42 2.57
CA VAL A 303 -35.98 -25.35 2.83
C VAL A 303 -36.34 -26.69 2.21
N LYS A 304 -35.66 -27.31 1.29
CA LYS A 304 -35.95 -28.63 0.74
C LYS A 304 -35.26 -29.69 1.62
N TRP A 305 -33.93 -29.59 1.89
CA TRP A 305 -33.27 -30.50 2.82
C TRP A 305 -32.27 -29.76 3.69
N PHE A 306 -31.74 -30.37 4.72
CA PHE A 306 -30.71 -29.94 5.65
C PHE A 306 -29.79 -31.07 6.14
N TYR A 307 -28.50 -30.97 6.30
CA TYR A 307 -27.51 -31.91 6.79
C TYR A 307 -26.79 -31.05 7.84
N GLN A 308 -26.77 -31.43 9.12
CA GLN A 308 -26.16 -30.67 10.20
C GLN A 308 -24.64 -31.04 10.31
N HIS A 309 -23.73 -30.08 10.50
CA HIS A 309 -22.34 -30.57 10.65
C HIS A 309 -22.05 -30.86 12.10
N THR A 310 -22.27 -29.88 12.95
CA THR A 310 -22.23 -29.95 14.37
C THR A 310 -23.54 -29.60 15.07
N PRO A 311 -24.29 -30.62 15.53
CA PRO A 311 -25.51 -30.44 16.28
C PRO A 311 -25.46 -29.58 17.47
N ASN A 312 -24.76 -29.42 18.52
CA ASN A 312 -25.27 -28.18 19.36
C ASN A 312 -23.93 -27.45 19.38
N ASP A 313 -23.70 -26.66 18.33
CA ASP A 313 -22.36 -26.12 18.23
C ASP A 313 -21.97 -25.23 19.37
N ALA A 314 -21.16 -25.87 20.23
CA ALA A 314 -20.60 -25.31 21.46
C ALA A 314 -19.27 -24.60 21.25
N TRP A 315 -18.70 -24.60 20.08
CA TRP A 315 -17.29 -24.27 19.83
C TRP A 315 -17.16 -23.16 18.82
N ASP A 316 -18.25 -22.65 18.29
CA ASP A 316 -18.27 -21.74 17.16
C ASP A 316 -17.52 -22.44 16.04
N PHE A 317 -17.94 -23.72 15.73
CA PHE A 317 -17.46 -24.37 14.53
C PHE A 317 -18.34 -23.96 13.36
N SER A 318 -18.52 -22.72 12.98
CA SER A 318 -19.39 -22.14 11.98
C SER A 318 -19.34 -23.01 10.71
N GLY A 319 -20.52 -23.57 10.51
CA GLY A 319 -20.64 -24.70 9.63
C GLY A 319 -20.99 -24.45 8.18
N ASN A 320 -20.64 -23.25 7.73
CA ASN A 320 -21.05 -22.74 6.42
C ASN A 320 -19.91 -22.65 5.40
N ASN A 321 -18.78 -23.28 5.57
CA ASN A 321 -17.73 -23.27 4.53
C ASN A 321 -18.39 -23.70 3.23
N GLU A 322 -17.77 -23.44 2.13
CA GLU A 322 -18.24 -23.66 0.75
C GLU A 322 -18.66 -25.12 0.50
N LEU A 323 -19.54 -25.21 -0.49
CA LEU A 323 -19.99 -26.54 -0.93
C LEU A 323 -19.60 -26.82 -2.37
N VAL A 324 -18.62 -27.75 -2.57
CA VAL A 324 -18.43 -27.95 -3.99
C VAL A 324 -19.21 -29.07 -4.59
N LEU A 325 -19.74 -28.84 -5.82
CA LEU A 325 -20.54 -29.89 -6.46
C LEU A 325 -19.71 -30.78 -7.37
N PHE A 326 -19.74 -32.10 -7.19
CA PHE A 326 -18.92 -33.01 -8.06
C PHE A 326 -19.49 -34.40 -8.27
N ASP A 327 -18.87 -35.34 -8.98
CA ASP A 327 -19.49 -36.65 -9.12
C ASP A 327 -18.73 -37.66 -8.23
N TYR A 328 -19.47 -38.15 -7.19
CA TYR A 328 -18.71 -39.10 -6.32
C TYR A 328 -18.84 -40.56 -6.73
N LYS A 329 -17.74 -41.18 -7.15
CA LYS A 329 -17.76 -42.57 -7.60
C LYS A 329 -17.49 -43.37 -6.32
N ALA A 330 -18.57 -43.78 -5.71
CA ALA A 330 -18.89 -44.30 -4.45
C ALA A 330 -17.61 -44.79 -3.81
N LYS A 331 -17.50 -46.07 -3.58
CA LYS A 331 -16.23 -46.54 -2.95
C LYS A 331 -15.93 -47.61 -4.04
N ASP A 332 -16.96 -48.49 -4.15
CA ASP A 332 -16.94 -49.26 -5.39
C ASP A 332 -18.38 -49.38 -5.89
N GLY A 333 -18.50 -49.02 -7.16
CA GLY A 333 -19.81 -49.03 -7.81
C GLY A 333 -20.21 -47.60 -8.21
N LYS A 334 -21.15 -47.06 -7.45
CA LYS A 334 -22.04 -45.94 -7.73
C LYS A 334 -21.46 -44.57 -8.07
N ILE A 335 -22.18 -43.86 -8.98
CA ILE A 335 -21.72 -42.48 -9.15
C ILE A 335 -22.78 -41.59 -8.52
N VAL A 336 -22.51 -40.96 -7.37
CA VAL A 336 -23.46 -40.12 -6.66
C VAL A 336 -23.17 -38.67 -7.06
N LYS A 337 -24.14 -37.86 -7.36
CA LYS A 337 -24.05 -36.43 -7.62
C LYS A 337 -24.02 -35.87 -6.21
N ALA A 338 -22.89 -35.25 -5.88
CA ALA A 338 -22.68 -34.93 -4.46
C ALA A 338 -22.41 -33.50 -4.11
N THR A 339 -22.23 -33.28 -2.82
CA THR A 339 -21.67 -32.03 -2.26
C THR A 339 -20.26 -32.31 -1.70
N ALA A 340 -19.25 -31.46 -1.74
CA ALA A 340 -18.01 -31.70 -1.05
C ALA A 340 -17.79 -30.57 -0.07
N HIS A 341 -17.41 -30.82 1.17
CA HIS A 341 -17.16 -29.80 2.15
C HIS A 341 -16.06 -30.07 3.17
N ALA A 342 -15.24 -29.08 3.50
CA ALA A 342 -14.22 -29.23 4.55
C ALA A 342 -14.63 -28.27 5.67
N ASP A 343 -15.35 -28.75 6.67
CA ASP A 343 -15.86 -28.06 7.81
C ASP A 343 -14.80 -27.48 8.76
N ARG A 344 -15.16 -26.39 9.38
CA ARG A 344 -14.45 -25.78 10.48
C ARG A 344 -14.19 -26.80 11.61
N ASN A 345 -15.03 -27.77 11.84
CA ASN A 345 -14.91 -28.75 12.89
C ASN A 345 -13.84 -29.82 12.67
N GLY A 346 -13.25 -29.81 11.48
CA GLY A 346 -12.19 -30.65 11.06
C GLY A 346 -12.55 -31.95 10.38
N PHE A 347 -13.82 -32.08 9.95
CA PHE A 347 -14.25 -33.32 9.28
C PHE A 347 -14.60 -32.91 7.88
N PHE A 348 -14.14 -33.61 6.79
CA PHE A 348 -14.56 -33.50 5.45
C PHE A 348 -15.87 -34.29 5.23
N TYR A 349 -16.91 -33.67 4.71
CA TYR A 349 -18.10 -34.36 4.28
C TYR A 349 -18.35 -34.40 2.77
N VAL A 350 -19.02 -35.50 2.44
CA VAL A 350 -19.48 -35.89 1.13
C VAL A 350 -20.95 -36.27 1.28
N VAL A 351 -21.88 -35.51 0.71
CA VAL A 351 -23.31 -35.67 0.86
C VAL A 351 -24.04 -35.69 -0.46
N ASP A 352 -25.15 -36.41 -0.51
CA ASP A 352 -25.99 -36.54 -1.71
C ASP A 352 -26.82 -35.29 -1.89
N ARG A 353 -26.47 -34.53 -2.90
CA ARG A 353 -27.14 -33.28 -3.26
C ARG A 353 -28.58 -33.49 -3.76
N SER A 354 -29.19 -34.63 -3.88
CA SER A 354 -30.60 -34.66 -4.16
C SER A 354 -31.36 -34.67 -2.86
N ASN A 355 -30.86 -35.32 -1.82
CA ASN A 355 -31.67 -35.46 -0.62
C ASN A 355 -31.00 -35.12 0.67
N GLY A 356 -29.77 -34.64 0.67
CA GLY A 356 -29.12 -34.31 1.94
C GLY A 356 -28.67 -35.53 2.68
N LYS A 357 -28.39 -36.69 2.08
CA LYS A 357 -27.96 -37.82 2.93
C LYS A 357 -26.44 -38.04 2.97
N LEU A 358 -25.91 -38.42 4.15
CA LEU A 358 -24.48 -38.59 4.31
C LEU A 358 -23.95 -39.81 3.65
N GLN A 359 -23.03 -39.70 2.72
CA GLN A 359 -22.34 -40.75 2.01
C GLN A 359 -21.01 -41.12 2.66
N ASN A 360 -20.30 -40.15 3.23
CA ASN A 360 -18.98 -40.45 3.81
C ASN A 360 -18.49 -39.21 4.55
N ALA A 361 -17.68 -39.43 5.54
CA ALA A 361 -17.03 -38.46 6.38
C ALA A 361 -15.70 -38.99 6.96
N PHE A 362 -14.63 -38.22 6.96
CA PHE A 362 -13.31 -38.53 7.51
C PHE A 362 -12.61 -37.22 7.93
N PRO A 363 -11.66 -37.22 8.85
CA PRO A 363 -10.93 -36.02 9.27
C PRO A 363 -9.86 -35.54 8.31
N PHE A 364 -9.73 -34.31 7.84
CA PHE A 364 -8.66 -33.78 7.10
C PHE A 364 -7.63 -33.07 7.99
N VAL A 365 -7.72 -32.91 9.30
CA VAL A 365 -6.69 -32.29 10.15
C VAL A 365 -6.25 -33.32 11.20
N ASP A 366 -5.06 -33.27 11.74
CA ASP A 366 -4.70 -34.36 12.60
C ASP A 366 -4.97 -34.51 14.00
N ASN A 367 -5.31 -33.45 14.71
CA ASN A 367 -5.46 -33.98 16.31
C ASN A 367 -6.78 -33.66 17.03
N ILE A 368 -7.92 -34.06 16.47
CA ILE A 368 -9.24 -33.69 16.83
C ILE A 368 -9.65 -34.23 18.18
N THR A 369 -10.09 -33.24 19.04
CA THR A 369 -10.28 -33.77 20.34
C THR A 369 -11.74 -33.83 20.69
N TRP A 370 -12.69 -33.15 20.02
CA TRP A 370 -14.04 -33.02 20.49
C TRP A 370 -14.87 -34.24 20.07
N ALA A 371 -14.40 -34.89 18.98
CA ALA A 371 -15.22 -36.03 18.57
C ALA A 371 -14.40 -37.19 18.01
N SER A 372 -14.90 -38.39 18.30
CA SER A 372 -14.07 -39.50 17.83
C SER A 372 -14.19 -39.76 16.35
N HIS A 373 -15.38 -39.76 15.78
CA HIS A 373 -15.62 -39.98 14.38
C HIS A 373 -17.05 -39.57 14.04
N ILE A 374 -17.44 -39.72 12.78
CA ILE A 374 -18.82 -39.42 12.44
C ILE A 374 -19.51 -40.76 12.12
N ASP A 375 -20.53 -41.03 12.87
CA ASP A 375 -21.26 -42.27 12.71
C ASP A 375 -22.07 -42.20 11.43
N LEU A 376 -21.67 -43.04 10.50
CA LEU A 376 -22.24 -43.17 9.17
C LEU A 376 -23.68 -43.67 9.17
N LYS A 377 -24.25 -44.43 10.10
CA LYS A 377 -25.67 -44.74 9.90
C LYS A 377 -26.57 -43.66 10.51
N THR A 378 -26.10 -43.11 11.59
CA THR A 378 -26.81 -42.07 12.31
C THR A 378 -26.59 -40.72 11.64
N GLY A 379 -25.44 -40.41 11.04
CA GLY A 379 -25.20 -39.06 10.63
C GLY A 379 -24.64 -38.18 11.77
N ARG A 380 -24.56 -38.57 13.01
CA ARG A 380 -24.05 -37.83 14.11
C ARG A 380 -22.64 -38.01 14.59
N PRO A 381 -22.00 -36.95 15.05
CA PRO A 381 -20.73 -37.11 15.76
C PRO A 381 -20.88 -38.00 17.01
N VAL A 382 -19.82 -38.67 17.39
CA VAL A 382 -19.62 -39.45 18.57
C VAL A 382 -18.60 -38.64 19.35
N GLU A 383 -19.17 -37.87 20.22
CA GLU A 383 -18.44 -36.91 21.05
C GLU A 383 -17.76 -37.65 22.21
N ARG A 384 -16.70 -37.01 22.64
CA ARG A 384 -15.87 -37.37 23.73
C ARG A 384 -16.34 -36.66 25.00
N GLU A 385 -16.06 -37.28 26.04
CA GLU A 385 -16.21 -37.11 27.41
C GLU A 385 -15.81 -35.76 27.83
N GLY A 386 -14.89 -34.93 28.21
CA GLY A 386 -15.61 -33.66 28.79
C GLY A 386 -15.41 -32.51 27.79
N GLN A 387 -15.57 -32.58 26.48
CA GLN A 387 -15.24 -31.58 25.50
C GLN A 387 -16.19 -30.38 25.27
N ARG A 388 -17.39 -30.36 25.89
CA ARG A 388 -18.23 -29.23 26.11
C ARG A 388 -17.87 -28.66 27.49
N PRO A 389 -17.28 -27.49 27.62
CA PRO A 389 -16.76 -27.07 28.89
C PRO A 389 -17.82 -26.85 29.94
N PRO A 390 -17.53 -27.16 31.18
CA PRO A 390 -18.43 -26.94 32.30
C PRO A 390 -18.64 -25.54 32.86
N LEU A 391 -19.83 -25.31 33.32
CA LEU A 391 -20.18 -24.09 34.06
C LEU A 391 -19.33 -23.79 35.30
N PRO A 392 -19.25 -22.53 35.59
CA PRO A 392 -18.60 -21.99 36.76
C PRO A 392 -19.12 -22.57 38.06
N GLU A 393 -18.24 -23.11 38.91
CA GLU A 393 -18.82 -23.60 40.17
C GLU A 393 -19.35 -22.34 40.91
N PRO A 394 -20.49 -22.56 41.57
CA PRO A 394 -21.18 -21.55 42.35
C PRO A 394 -20.24 -20.62 43.08
N GLY A 395 -20.32 -19.33 42.79
CA GLY A 395 -19.44 -18.32 43.32
C GLY A 395 -18.40 -17.85 42.33
N GLN A 396 -18.12 -18.68 41.30
CA GLN A 396 -17.13 -18.28 40.30
C GLN A 396 -17.66 -17.43 39.15
N LYS A 397 -16.78 -16.65 38.53
CA LYS A 397 -17.10 -15.77 37.42
C LYS A 397 -16.41 -16.29 36.15
N HIS A 398 -16.03 -17.57 36.16
CA HIS A 398 -15.59 -18.23 34.95
C HIS A 398 -15.46 -19.73 35.31
N GLY A 399 -15.78 -20.60 34.40
CA GLY A 399 -15.62 -22.01 34.58
C GLY A 399 -14.23 -22.56 34.26
N LYS A 400 -13.94 -23.78 34.65
CA LYS A 400 -12.59 -24.35 34.43
C LYS A 400 -12.11 -24.58 33.02
N ALA A 401 -10.88 -24.50 32.59
CA ALA A 401 -10.53 -24.71 31.17
C ALA A 401 -10.22 -26.12 30.68
N VAL A 402 -10.62 -26.43 29.45
CA VAL A 402 -10.48 -27.65 28.73
C VAL A 402 -9.71 -27.39 27.42
N GLU A 403 -8.94 -28.37 26.98
CA GLU A 403 -8.20 -28.24 25.78
C GLU A 403 -9.02 -28.79 24.62
N VAL A 404 -9.25 -27.97 23.61
CA VAL A 404 -9.97 -28.30 22.42
C VAL A 404 -9.10 -28.13 21.16
N SER A 405 -9.32 -29.00 20.18
CA SER A 405 -8.94 -28.89 18.83
C SER A 405 -9.89 -29.60 17.86
N PRO A 406 -10.07 -28.96 16.69
CA PRO A 406 -9.54 -27.64 16.38
C PRO A 406 -10.19 -26.56 17.26
N PRO A 407 -9.63 -25.35 17.14
CA PRO A 407 -10.15 -24.21 17.88
C PRO A 407 -11.24 -23.51 17.08
N PHE A 408 -11.92 -22.44 17.62
CA PHE A 408 -12.99 -21.81 16.87
C PHE A 408 -12.47 -21.38 15.51
N LEU A 409 -11.24 -20.90 15.31
CA LEU A 409 -10.82 -20.56 13.95
C LEU A 409 -10.90 -21.72 12.96
N GLY A 410 -10.90 -23.03 13.33
CA GLY A 410 -11.24 -24.10 12.54
C GLY A 410 -10.12 -25.01 12.06
N GLY A 411 -10.49 -26.09 11.36
CA GLY A 411 -9.44 -26.88 10.64
C GLY A 411 -9.23 -26.21 9.28
N LYS A 412 -10.33 -25.55 8.82
CA LYS A 412 -10.46 -24.77 7.61
C LYS A 412 -11.36 -23.57 7.81
N ASN A 413 -10.97 -22.34 7.55
CA ASN A 413 -11.91 -21.21 7.73
C ASN A 413 -12.71 -20.96 6.46
N TRP A 414 -12.96 -19.75 5.95
CA TRP A 414 -13.70 -19.43 4.74
C TRP A 414 -12.87 -19.71 3.46
N ASN A 415 -11.59 -19.48 3.50
CA ASN A 415 -10.57 -19.55 2.42
C ASN A 415 -10.75 -20.89 1.72
N PRO A 416 -11.37 -20.91 0.54
CA PRO A 416 -11.91 -22.11 -0.08
C PRO A 416 -10.94 -23.09 -0.72
N MET A 417 -11.39 -24.36 -0.78
CA MET A 417 -10.59 -25.36 -1.43
C MET A 417 -10.96 -25.43 -2.92
N ALA A 418 -10.20 -26.23 -3.63
CA ALA A 418 -10.38 -26.49 -5.04
C ALA A 418 -10.27 -27.98 -5.38
N TYR A 419 -10.82 -28.36 -6.52
CA TYR A 419 -10.93 -29.69 -7.08
C TYR A 419 -10.27 -29.77 -8.46
N SER A 420 -9.59 -30.85 -8.68
CA SER A 420 -8.99 -31.16 -9.97
C SER A 420 -9.77 -32.30 -10.68
N GLN A 421 -10.26 -31.85 -11.84
CA GLN A 421 -10.99 -32.81 -12.69
C GLN A 421 -9.95 -33.79 -13.24
N ASP A 422 -8.65 -33.48 -13.36
CA ASP A 422 -7.70 -34.46 -13.84
C ASP A 422 -7.39 -35.42 -12.71
N THR A 423 -6.83 -34.97 -11.61
CA THR A 423 -6.46 -35.88 -10.55
C THR A 423 -7.61 -36.39 -9.73
N GLY A 424 -8.78 -35.80 -9.52
CA GLY A 424 -9.80 -36.34 -8.61
C GLY A 424 -9.68 -35.90 -7.18
N LEU A 425 -8.70 -35.05 -6.87
CA LEU A 425 -8.41 -34.68 -5.51
C LEU A 425 -8.96 -33.32 -5.09
N PHE A 426 -9.26 -33.10 -3.82
CA PHE A 426 -9.53 -31.89 -3.12
C PHE A 426 -8.23 -31.29 -2.57
N TYR A 427 -7.94 -29.99 -2.77
CA TYR A 427 -6.79 -29.29 -2.25
C TYR A 427 -7.27 -28.33 -1.19
N VAL A 428 -7.15 -28.61 0.08
CA VAL A 428 -7.61 -27.86 1.24
C VAL A 428 -6.53 -27.05 1.95
N PRO A 429 -6.77 -25.79 2.18
CA PRO A 429 -5.92 -24.88 2.91
C PRO A 429 -6.23 -24.91 4.40
N ALA A 430 -5.70 -25.96 5.00
CA ALA A 430 -5.85 -26.24 6.42
C ALA A 430 -4.74 -25.69 7.32
N ASN A 431 -5.02 -25.78 8.60
CA ASN A 431 -4.24 -25.40 9.74
C ASN A 431 -4.31 -26.36 10.93
N HIS A 432 -3.21 -26.59 11.62
CA HIS A 432 -3.03 -27.32 12.85
C HIS A 432 -2.78 -26.31 13.99
N TRP A 433 -3.61 -26.31 15.02
CA TRP A 433 -3.56 -25.39 16.12
C TRP A 433 -4.54 -25.94 17.17
N LYS A 434 -4.79 -25.24 18.26
CA LYS A 434 -5.74 -25.63 19.28
C LYS A 434 -5.97 -24.49 20.31
N GLU A 435 -6.76 -24.75 21.35
CA GLU A 435 -7.02 -23.73 22.35
C GLU A 435 -7.36 -24.23 23.74
N ASP A 436 -7.39 -23.37 24.72
CA ASP A 436 -7.95 -23.46 26.02
C ASP A 436 -9.30 -22.73 25.90
N TYR A 437 -10.35 -23.35 26.41
CA TYR A 437 -11.70 -22.85 26.31
C TYR A 437 -12.37 -22.89 27.70
N TRP A 438 -13.12 -21.83 28.04
CA TRP A 438 -13.89 -21.94 29.26
C TRP A 438 -15.10 -21.05 29.15
N THR A 439 -16.05 -21.26 30.01
CA THR A 439 -17.31 -20.61 30.28
C THR A 439 -17.23 -19.32 31.06
N GLU A 440 -18.07 -18.38 30.66
CA GLU A 440 -18.25 -17.07 31.33
C GLU A 440 -19.74 -16.84 31.54
N GLU A 441 -20.24 -15.74 32.01
CA GLU A 441 -21.65 -15.40 32.08
C GLU A 441 -22.21 -14.98 30.73
N VAL A 442 -23.45 -15.25 30.40
CA VAL A 442 -24.04 -14.81 29.15
C VAL A 442 -25.25 -13.90 29.37
N SER A 443 -25.28 -12.78 28.65
CA SER A 443 -26.34 -11.82 28.72
C SER A 443 -26.38 -11.15 27.37
N TYR A 444 -27.50 -10.87 26.79
CA TYR A 444 -27.59 -10.13 25.54
C TYR A 444 -27.64 -8.63 25.80
N THR A 445 -27.02 -7.77 25.05
CA THR A 445 -26.95 -6.34 25.10
C THR A 445 -26.73 -5.89 23.64
N LYS A 446 -27.77 -5.27 23.10
CA LYS A 446 -27.83 -4.79 21.75
C LYS A 446 -26.60 -4.00 21.38
N GLY A 447 -25.94 -4.38 20.29
CA GLY A 447 -24.77 -3.83 19.70
C GLY A 447 -23.49 -4.29 20.35
N SER A 448 -23.63 -5.29 21.23
CA SER A 448 -22.37 -5.80 21.87
C SER A 448 -22.29 -7.32 21.82
N ALA A 449 -21.08 -7.86 21.65
CA ALA A 449 -20.78 -9.26 21.45
C ALA A 449 -21.49 -10.21 22.41
N TYR A 450 -21.88 -11.37 21.99
CA TYR A 450 -22.71 -12.36 22.64
C TYR A 450 -22.02 -13.70 22.55
N LEU A 451 -20.91 -13.91 23.27
CA LEU A 451 -20.18 -15.14 23.36
C LEU A 451 -20.56 -16.06 24.52
N GLY A 452 -20.41 -15.57 25.76
CA GLY A 452 -20.51 -16.32 26.97
C GLY A 452 -19.34 -17.29 27.13
N MET A 453 -18.14 -17.05 26.48
CA MET A 453 -17.03 -17.96 26.72
C MET A 453 -15.69 -17.24 26.65
N GLY A 454 -14.61 -17.67 27.28
CA GLY A 454 -13.26 -17.25 27.22
C GLY A 454 -12.42 -18.28 26.42
N PHE A 455 -11.29 -17.90 25.84
CA PHE A 455 -10.57 -18.71 24.90
C PHE A 455 -9.11 -18.25 24.73
N ARG A 456 -8.23 -19.17 24.32
CA ARG A 456 -6.85 -18.74 24.04
C ARG A 456 -6.22 -19.64 23.00
N ILE A 457 -6.03 -19.23 21.77
CA ILE A 457 -5.51 -20.05 20.67
C ILE A 457 -4.03 -20.26 20.81
N LYS A 458 -3.58 -21.47 20.61
CA LYS A 458 -2.22 -21.93 20.83
C LYS A 458 -1.73 -22.91 19.77
N ARG A 459 -0.43 -22.92 19.49
CA ARG A 459 -0.02 -23.87 18.39
C ARG A 459 -0.16 -25.35 18.65
N MET A 460 -0.21 -26.27 17.70
CA MET A 460 -0.15 -27.71 18.07
C MET A 460 1.29 -28.18 17.91
N TYR A 461 1.97 -27.77 16.86
CA TYR A 461 3.27 -28.26 16.50
C TYR A 461 4.29 -27.12 16.52
N ASP A 462 5.56 -27.43 16.75
CA ASP A 462 6.57 -26.41 16.80
C ASP A 462 7.03 -26.04 15.40
N ASP A 463 6.89 -26.90 14.40
CA ASP A 463 7.51 -26.54 13.13
C ASP A 463 6.61 -25.93 12.07
N HIS A 464 5.32 -25.75 12.28
CA HIS A 464 4.43 -25.31 11.21
C HIS A 464 3.04 -25.07 11.81
N VAL A 465 2.28 -24.22 11.11
CA VAL A 465 0.89 -23.98 11.52
C VAL A 465 0.02 -24.42 10.34
N GLY A 466 0.25 -23.77 9.22
CA GLY A 466 -0.49 -24.03 7.99
C GLY A 466 -0.17 -25.33 7.30
N SER A 467 -1.16 -25.99 6.71
CA SER A 467 -1.01 -27.31 6.20
C SER A 467 -1.80 -27.49 4.93
N LEU A 468 -1.20 -27.39 3.78
CA LEU A 468 -1.83 -27.47 2.46
C LEU A 468 -1.84 -28.94 2.07
N ARG A 469 -3.01 -29.54 2.10
CA ARG A 469 -3.21 -30.94 1.84
C ARG A 469 -4.07 -31.41 0.67
N ALA A 470 -3.58 -32.40 -0.06
CA ALA A 470 -4.37 -33.00 -1.15
C ALA A 470 -5.17 -34.21 -0.62
N MET A 471 -6.48 -34.13 -0.53
CA MET A 471 -7.40 -35.11 -0.03
C MET A 471 -8.08 -35.98 -1.08
N ASP A 472 -8.04 -37.30 -0.88
CA ASP A 472 -8.78 -38.23 -1.68
C ASP A 472 -10.17 -38.46 -1.04
N PRO A 473 -11.20 -38.04 -1.74
CA PRO A 473 -12.56 -38.14 -1.31
C PRO A 473 -13.23 -39.50 -1.27
N VAL A 474 -12.76 -40.56 -1.90
CA VAL A 474 -13.22 -41.92 -1.89
C VAL A 474 -12.51 -42.72 -0.81
N SER A 475 -11.24 -42.50 -0.55
CA SER A 475 -10.65 -43.28 0.53
C SER A 475 -10.41 -42.47 1.80
N GLY A 476 -10.47 -41.14 1.83
CA GLY A 476 -10.11 -40.40 3.02
C GLY A 476 -8.65 -40.17 3.26
N LYS A 477 -7.69 -40.45 2.37
CA LYS A 477 -6.29 -40.30 2.61
C LYS A 477 -5.68 -38.96 2.25
N VAL A 478 -4.64 -38.59 2.99
CA VAL A 478 -3.92 -37.36 2.64
C VAL A 478 -2.89 -37.84 1.64
N VAL A 479 -3.01 -37.43 0.40
CA VAL A 479 -2.17 -38.03 -0.64
C VAL A 479 -0.84 -37.30 -0.68
N TRP A 480 -0.74 -36.03 -0.26
CA TRP A 480 0.42 -35.18 -0.21
C TRP A 480 0.10 -34.06 0.78
N GLU A 481 1.05 -33.52 1.46
CA GLU A 481 1.07 -32.35 2.29
C GLU A 481 2.19 -31.33 2.03
N HIS A 482 1.95 -30.00 2.08
CA HIS A 482 2.97 -29.00 2.05
C HIS A 482 2.82 -28.15 3.37
N LYS A 483 3.89 -27.91 4.10
CA LYS A 483 3.80 -27.23 5.40
C LYS A 483 4.32 -25.80 5.44
N GLU A 484 3.56 -24.94 6.16
CA GLU A 484 3.99 -23.51 6.14
C GLU A 484 4.10 -23.05 7.56
N HIS A 485 4.98 -22.13 7.90
CA HIS A 485 5.29 -21.54 9.21
C HIS A 485 4.10 -20.76 9.74
N LEU A 486 3.40 -19.99 8.96
CA LEU A 486 2.28 -19.19 9.48
C LEU A 486 0.95 -19.79 9.07
N PRO A 487 -0.14 -19.34 9.65
CA PRO A 487 -1.46 -19.82 9.20
C PRO A 487 -1.65 -19.74 7.68
N LEU A 488 -2.49 -20.53 7.09
CA LEU A 488 -2.88 -20.56 5.69
C LEU A 488 -4.27 -19.92 5.58
N TRP A 489 -4.59 -18.94 4.82
CA TRP A 489 -5.74 -18.08 4.94
C TRP A 489 -6.09 -17.50 3.57
N ALA A 490 -5.68 -18.20 2.52
CA ALA A 490 -6.06 -17.94 1.17
C ALA A 490 -6.75 -19.14 0.48
N GLY A 491 -7.36 -18.65 -0.64
CA GLY A 491 -7.94 -19.63 -1.53
C GLY A 491 -6.86 -20.34 -2.36
N VAL A 492 -7.32 -21.43 -2.95
CA VAL A 492 -6.68 -22.34 -3.88
C VAL A 492 -7.35 -22.38 -5.25
N LEU A 493 -6.57 -22.40 -6.36
CA LEU A 493 -6.96 -22.40 -7.75
C LEU A 493 -6.40 -23.69 -8.36
N ALA A 494 -7.16 -24.46 -9.15
CA ALA A 494 -6.57 -25.69 -9.68
C ALA A 494 -6.62 -25.72 -11.22
N THR A 495 -5.56 -26.14 -11.90
CA THR A 495 -5.57 -26.04 -13.38
C THR A 495 -5.18 -27.29 -14.16
N ALA A 496 -5.38 -27.33 -15.46
CA ALA A 496 -5.11 -28.50 -16.30
C ALA A 496 -3.67 -28.55 -16.72
N GLY A 497 -2.88 -27.60 -16.31
CA GLY A 497 -1.43 -27.59 -16.40
C GLY A 497 -0.81 -28.40 -15.28
N ASN A 498 -1.48 -29.22 -14.46
CA ASN A 498 -0.78 -29.96 -13.44
C ASN A 498 -0.35 -29.15 -12.24
N LEU A 499 -1.03 -28.06 -12.01
CA LEU A 499 -0.72 -27.06 -11.01
C LEU A 499 -1.87 -26.67 -10.08
N VAL A 500 -1.46 -26.35 -8.84
CA VAL A 500 -2.31 -25.75 -7.83
C VAL A 500 -1.64 -24.46 -7.34
N PHE A 501 -2.48 -23.43 -7.16
CA PHE A 501 -1.89 -22.18 -6.68
C PHE A 501 -2.48 -21.62 -5.37
N THR A 502 -1.59 -20.98 -4.54
CA THR A 502 -2.14 -20.39 -3.30
C THR A 502 -1.28 -19.27 -2.81
N GLY A 503 -1.61 -18.56 -1.75
CA GLY A 503 -0.77 -17.50 -1.20
C GLY A 503 -0.43 -17.75 0.26
N THR A 504 0.69 -17.30 0.80
CA THR A 504 1.05 -17.53 2.22
C THR A 504 0.95 -16.24 3.04
N GLY A 505 0.93 -16.36 4.39
CA GLY A 505 0.96 -15.19 5.26
C GLY A 505 2.20 -14.29 5.32
N ASP A 506 3.36 -14.75 4.85
CA ASP A 506 4.58 -14.00 4.70
C ASP A 506 4.74 -13.35 3.35
N GLY A 507 3.73 -13.30 2.48
CA GLY A 507 3.66 -12.62 1.22
C GLY A 507 3.97 -13.29 -0.08
N TYR A 508 4.22 -14.62 -0.08
CA TYR A 508 4.41 -15.34 -1.31
C TYR A 508 3.23 -15.89 -2.09
N PHE A 509 3.11 -15.57 -3.39
CA PHE A 509 2.17 -16.23 -4.26
C PHE A 509 2.99 -17.44 -4.78
N LYS A 510 2.57 -18.69 -4.61
CA LYS A 510 3.18 -19.94 -4.92
C LYS A 510 2.43 -20.89 -5.89
N ALA A 511 3.27 -21.72 -6.52
CA ALA A 511 2.80 -22.79 -7.40
C ALA A 511 3.33 -24.14 -6.90
N PHE A 512 2.58 -25.17 -6.70
CA PHE A 512 2.80 -26.53 -6.42
C PHE A 512 2.36 -27.46 -7.59
N ASP A 513 3.09 -28.58 -7.72
CA ASP A 513 2.65 -29.64 -8.62
C ASP A 513 1.42 -30.36 -8.06
N ALA A 514 0.34 -30.50 -8.83
CA ALA A 514 -0.85 -31.16 -8.30
C ALA A 514 -0.78 -32.64 -7.98
N LYS A 515 0.16 -33.42 -8.49
CA LYS A 515 0.15 -34.86 -8.30
C LYS A 515 1.10 -35.17 -7.17
N SER A 516 2.12 -34.32 -6.99
CA SER A 516 3.04 -34.68 -5.90
C SER A 516 3.21 -33.72 -4.74
N GLY A 517 2.67 -32.50 -4.85
CA GLY A 517 2.91 -31.52 -3.85
C GLY A 517 4.16 -30.67 -3.79
N LYS A 518 5.10 -30.84 -4.67
CA LYS A 518 6.34 -30.06 -4.70
C LYS A 518 6.18 -28.60 -5.04
N GLU A 519 6.79 -27.69 -4.26
CA GLU A 519 6.77 -26.27 -4.57
C GLU A 519 7.62 -26.02 -5.84
N LEU A 520 7.04 -25.46 -6.90
CA LEU A 520 7.71 -25.19 -8.14
C LEU A 520 8.11 -23.74 -8.39
N TRP A 521 7.40 -22.77 -7.82
CA TRP A 521 7.58 -21.35 -8.10
C TRP A 521 7.06 -20.50 -6.96
N LYS A 522 7.67 -19.35 -6.71
CA LYS A 522 7.18 -18.42 -5.70
C LYS A 522 7.57 -16.99 -6.03
N PHE A 523 6.73 -16.00 -5.74
CA PHE A 523 7.03 -14.59 -5.92
C PHE A 523 6.63 -13.87 -4.62
N GLN A 524 7.51 -13.02 -4.08
CA GLN A 524 7.20 -12.16 -2.95
C GLN A 524 6.46 -10.85 -3.30
N THR A 525 5.27 -10.74 -2.87
CA THR A 525 4.39 -9.63 -3.21
C THR A 525 4.49 -8.50 -2.18
N GLY A 526 4.85 -8.68 -0.92
CA GLY A 526 4.99 -7.49 -0.10
C GLY A 526 4.19 -7.56 1.19
N SER A 527 3.13 -8.34 1.17
CA SER A 527 2.25 -8.48 2.33
C SER A 527 1.57 -9.84 2.24
N GLY A 528 1.08 -10.28 3.42
CA GLY A 528 0.35 -11.56 3.42
C GLY A 528 -0.87 -11.74 2.58
N ILE A 529 -1.01 -12.86 1.90
CA ILE A 529 -2.08 -13.13 0.95
C ILE A 529 -3.26 -13.88 1.55
N VAL A 530 -4.44 -13.25 1.39
CA VAL A 530 -5.63 -13.86 1.98
C VAL A 530 -6.83 -13.87 1.07
N SER A 531 -6.72 -14.06 -0.20
CA SER A 531 -7.71 -14.08 -1.27
C SER A 531 -7.61 -15.27 -2.21
N PRO A 532 -8.69 -15.63 -2.90
CA PRO A 532 -8.70 -16.71 -3.87
C PRO A 532 -8.30 -16.24 -5.27
N PRO A 533 -7.19 -16.75 -5.81
CA PRO A 533 -6.71 -16.44 -7.12
C PRO A 533 -7.51 -16.91 -8.30
N ILE A 534 -7.50 -16.21 -9.40
CA ILE A 534 -8.17 -16.63 -10.65
C ILE A 534 -7.18 -16.65 -11.81
N THR A 535 -7.72 -17.04 -12.97
CA THR A 535 -7.05 -17.18 -14.25
C THR A 535 -8.00 -17.05 -15.42
N TRP A 536 -7.55 -16.56 -16.54
CA TRP A 536 -8.32 -16.31 -17.74
C TRP A 536 -7.34 -16.09 -18.89
N GLU A 537 -7.78 -16.30 -20.11
CA GLU A 537 -7.03 -16.17 -21.31
C GLU A 537 -7.47 -14.94 -22.10
N GLN A 538 -6.52 -14.21 -22.66
CA GLN A 538 -6.91 -13.05 -23.48
C GLN A 538 -5.92 -12.91 -24.59
N ASP A 539 -6.23 -12.67 -25.84
CA ASP A 539 -5.30 -12.50 -26.94
C ASP A 539 -4.15 -13.46 -26.96
N GLY A 540 -4.43 -14.73 -26.80
CA GLY A 540 -3.67 -15.96 -26.75
C GLY A 540 -2.74 -16.20 -25.56
N GLU A 541 -2.92 -15.38 -24.53
CA GLU A 541 -2.20 -15.35 -23.29
C GLU A 541 -3.00 -15.67 -22.04
N GLN A 542 -2.33 -16.42 -21.17
CA GLN A 542 -2.86 -16.88 -19.92
C GLN A 542 -2.36 -15.97 -18.82
N TYR A 543 -3.30 -15.35 -18.17
CA TYR A 543 -3.07 -14.45 -17.06
C TYR A 543 -3.49 -15.13 -15.75
N LEU A 544 -2.69 -14.82 -14.74
CA LEU A 544 -3.03 -15.19 -13.38
C LEU A 544 -3.20 -13.88 -12.60
N GLY A 545 -4.27 -13.85 -11.78
CA GLY A 545 -4.36 -12.76 -10.82
C GLY A 545 -4.80 -13.10 -9.42
N VAL A 546 -4.41 -12.18 -8.52
CA VAL A 546 -4.50 -12.32 -7.08
C VAL A 546 -4.55 -10.98 -6.37
N THR A 547 -5.40 -10.89 -5.35
CA THR A 547 -5.57 -9.77 -4.45
C THR A 547 -4.67 -9.94 -3.22
N VAL A 548 -3.94 -8.93 -2.86
CA VAL A 548 -2.95 -8.82 -1.86
C VAL A 548 -3.28 -7.72 -0.85
N GLY A 549 -3.01 -8.02 0.40
CA GLY A 549 -3.18 -7.14 1.58
C GLY A 549 -3.65 -7.93 2.80
N TYR A 550 -2.70 -8.24 3.71
CA TYR A 550 -2.95 -9.08 4.86
C TYR A 550 -4.02 -8.54 5.80
N GLY A 551 -4.78 -9.49 6.36
CA GLY A 551 -5.79 -9.21 7.36
C GLY A 551 -6.74 -10.31 7.76
N GLY A 552 -8.05 -10.05 7.98
CA GLY A 552 -8.98 -11.09 8.33
C GLY A 552 -9.10 -11.37 9.88
N ALA A 553 -9.41 -12.59 10.37
CA ALA A 553 -9.62 -12.85 11.77
C ALA A 553 -8.40 -13.08 12.64
N VAL A 554 -7.33 -13.59 12.05
CA VAL A 554 -6.15 -13.92 12.86
C VAL A 554 -5.56 -12.78 13.65
N PRO A 555 -5.22 -11.65 13.10
CA PRO A 555 -4.61 -10.52 13.82
C PRO A 555 -5.57 -10.06 14.88
N LEU A 556 -6.90 -10.24 14.89
CA LEU A 556 -7.73 -9.89 16.00
C LEU A 556 -8.14 -10.98 16.96
N TRP A 557 -8.31 -12.24 16.72
CA TRP A 557 -8.83 -13.24 17.62
C TRP A 557 -7.78 -14.35 17.85
N GLY A 558 -6.68 -14.24 17.07
CA GLY A 558 -5.71 -15.26 17.06
C GLY A 558 -4.88 -15.65 18.23
N GLY A 559 -4.70 -14.83 19.24
CA GLY A 559 -3.97 -15.13 20.47
C GLY A 559 -2.47 -15.29 20.25
N ASP A 560 -1.99 -16.54 20.46
CA ASP A 560 -0.59 -16.75 20.17
C ASP A 560 -0.28 -16.59 18.67
N MET A 561 -1.22 -16.86 17.85
CA MET A 561 -1.16 -16.75 16.44
C MET A 561 -1.38 -15.29 15.96
N ALA A 562 -1.94 -14.39 16.75
CA ALA A 562 -1.99 -12.97 16.61
C ALA A 562 -0.56 -12.35 16.85
N ASP A 563 0.14 -12.92 17.78
CA ASP A 563 1.49 -12.49 18.04
C ASP A 563 2.46 -13.10 17.02
N LEU A 564 2.22 -14.25 16.40
CA LEU A 564 3.21 -14.82 15.50
C LEU A 564 3.31 -13.94 14.25
N THR A 565 2.16 -13.47 13.85
CA THR A 565 1.74 -12.70 12.72
C THR A 565 1.93 -11.21 12.83
N ARG A 566 2.37 -10.66 13.96
CA ARG A 566 2.51 -9.25 14.17
C ARG A 566 3.38 -8.50 13.19
N PRO A 567 4.51 -9.02 12.79
CA PRO A 567 5.37 -8.31 11.86
C PRO A 567 5.00 -8.51 10.42
N VAL A 568 3.79 -8.92 10.06
CA VAL A 568 3.51 -9.02 8.62
C VAL A 568 2.87 -7.70 8.22
N ALA A 569 3.40 -6.82 7.44
CA ALA A 569 2.94 -5.67 6.77
C ALA A 569 1.55 -5.67 6.09
N GLN A 570 0.80 -4.61 6.33
CA GLN A 570 -0.45 -4.38 5.64
C GLN A 570 -0.01 -3.94 4.23
N GLY A 571 -0.93 -3.90 3.33
CA GLY A 571 -0.93 -3.56 1.96
C GLY A 571 -2.35 -3.52 1.43
N GLY A 572 -2.55 -3.40 0.16
CA GLY A 572 -3.79 -3.35 -0.55
C GLY A 572 -3.43 -3.07 -2.02
N SER A 573 -3.64 -4.10 -2.82
CA SER A 573 -3.29 -4.03 -4.22
C SER A 573 -3.61 -5.31 -4.98
N PHE A 574 -3.77 -5.08 -6.31
CA PHE A 574 -3.99 -6.24 -7.18
C PHE A 574 -2.80 -6.48 -8.09
N TRP A 575 -2.48 -7.71 -8.36
CA TRP A 575 -1.39 -8.23 -9.15
C TRP A 575 -1.82 -9.26 -10.18
N VAL A 576 -1.31 -9.10 -11.41
CA VAL A 576 -1.51 -9.98 -12.54
C VAL A 576 -0.15 -10.44 -12.96
N PHE A 577 0.01 -11.64 -13.37
CA PHE A 577 1.16 -12.39 -13.72
C PHE A 577 1.04 -13.05 -15.09
N LYS A 578 2.16 -13.19 -15.82
CA LYS A 578 2.13 -13.98 -17.05
C LYS A 578 3.46 -14.59 -17.52
N LEU A 579 3.39 -15.40 -18.59
CA LEU A 579 4.65 -15.91 -19.17
C LEU A 579 5.33 -14.79 -19.93
N PRO A 580 6.64 -14.76 -20.03
CA PRO A 580 7.38 -13.74 -20.79
C PRO A 580 7.14 -13.93 -22.26
N SER A 581 7.01 -12.83 -23.00
CA SER A 581 6.65 -12.92 -24.41
C SER A 581 7.60 -13.71 -25.33
N TRP A 582 8.89 -13.60 -25.11
CA TRP A 582 10.00 -14.18 -25.81
C TRP A 582 10.35 -15.64 -25.57
N LYS B 1 36.08 -3.65 8.52
CA LYS B 1 36.03 -2.37 7.75
C LYS B 1 34.59 -1.91 7.53
N ASP B 2 33.78 -2.00 8.61
CA ASP B 2 32.38 -1.65 8.52
C ASP B 2 32.13 -0.16 8.48
N VAL B 3 31.99 0.29 7.25
CA VAL B 3 31.69 1.65 6.88
C VAL B 3 32.70 2.60 7.51
N THR B 4 33.71 2.84 6.70
CA THR B 4 34.80 3.75 7.01
C THR B 4 34.71 4.99 6.14
N TRP B 5 35.60 5.98 6.34
CA TRP B 5 35.58 7.18 5.51
C TRP B 5 35.90 6.85 4.07
N GLU B 6 36.79 5.91 3.82
CA GLU B 6 37.22 5.67 2.44
C GLU B 6 36.28 4.91 1.55
N ASP B 7 35.46 4.11 2.21
CA ASP B 7 34.35 3.37 1.61
C ASP B 7 33.42 4.48 1.06
N ILE B 8 33.14 5.46 1.96
CA ILE B 8 32.33 6.59 1.53
C ILE B 8 32.94 7.37 0.40
N ALA B 9 34.22 7.68 0.53
CA ALA B 9 35.06 8.43 -0.42
C ALA B 9 35.13 7.68 -1.73
N ASN B 10 35.25 6.35 -1.65
CA ASN B 10 35.30 5.62 -2.91
C ASN B 10 33.94 5.29 -3.47
N ASP B 11 32.85 5.50 -2.77
CA ASP B 11 31.49 5.13 -3.12
C ASP B 11 31.13 5.36 -4.56
N ASP B 12 31.35 6.37 -5.37
CA ASP B 12 31.02 6.18 -6.80
C ASP B 12 31.80 5.05 -7.47
N LYS B 13 32.91 4.53 -6.94
CA LYS B 13 33.63 3.48 -7.71
C LYS B 13 33.25 2.03 -7.44
N THR B 14 32.65 1.72 -6.29
CA THR B 14 32.50 0.32 -5.88
C THR B 14 31.13 -0.16 -6.28
N THR B 15 30.69 -0.72 -7.39
CA THR B 15 29.41 -1.20 -7.76
C THR B 15 28.61 -2.03 -6.78
N GLY B 16 29.09 -2.69 -5.74
CA GLY B 16 28.35 -3.47 -4.80
C GLY B 16 27.80 -2.81 -3.55
N ASP B 17 27.87 -1.48 -3.45
CA ASP B 17 27.10 -0.82 -2.37
C ASP B 17 26.55 0.52 -2.79
N VAL B 18 25.76 1.20 -1.95
CA VAL B 18 25.29 2.55 -2.29
C VAL B 18 25.32 3.23 -0.94
N LEU B 19 26.22 4.16 -0.59
CA LEU B 19 26.23 4.66 0.77
C LEU B 19 25.71 6.07 1.05
N GLN B 20 25.22 6.83 0.07
CA GLN B 20 24.74 8.16 0.43
C GLN B 20 23.84 8.71 -0.65
N TYR B 21 23.13 9.78 -0.31
CA TYR B 21 22.26 10.46 -1.29
C TYR B 21 23.18 10.89 -2.47
N GLY B 22 23.05 10.34 -3.67
CA GLY B 22 23.86 10.78 -4.77
C GLY B 22 24.84 9.81 -5.41
N MET B 23 25.01 8.64 -4.73
CA MET B 23 25.94 7.63 -5.25
C MET B 23 27.39 8.08 -5.40
N GLY B 24 27.85 8.98 -4.55
CA GLY B 24 29.15 9.56 -4.49
C GLY B 24 29.09 10.95 -3.86
N THR B 25 30.27 11.41 -3.45
CA THR B 25 30.56 12.68 -2.83
C THR B 25 30.30 13.81 -3.84
N HIS B 26 30.44 13.50 -5.11
CA HIS B 26 30.23 14.43 -6.21
C HIS B 26 28.79 14.49 -6.67
N ALA B 27 28.01 13.54 -6.17
CA ALA B 27 26.60 13.34 -6.36
C ALA B 27 26.27 13.20 -7.83
N GLN B 28 27.05 12.43 -8.55
CA GLN B 28 26.85 12.27 -9.98
C GLN B 28 25.72 11.39 -10.41
N ARG B 29 25.19 10.51 -9.61
CA ARG B 29 24.11 9.58 -9.82
C ARG B 29 24.43 8.67 -11.02
N TRP B 30 25.68 8.23 -11.07
CA TRP B 30 26.33 7.41 -12.09
C TRP B 30 26.83 6.07 -11.58
N SER B 31 26.78 5.09 -12.45
CA SER B 31 27.29 3.74 -12.27
C SER B 31 27.84 3.09 -13.54
N PRO B 32 28.99 2.47 -13.29
CA PRO B 32 29.68 1.71 -14.35
C PRO B 32 29.13 0.33 -14.73
N LEU B 33 28.10 -0.21 -14.12
CA LEU B 33 27.36 -1.42 -14.36
C LEU B 33 26.77 -1.50 -15.76
N LYS B 34 26.91 -2.66 -16.38
CA LYS B 34 26.58 -2.89 -17.77
C LYS B 34 25.96 -4.25 -18.04
N GLN B 35 25.54 -4.94 -16.98
CA GLN B 35 24.88 -6.26 -17.13
C GLN B 35 23.54 -5.99 -17.78
N VAL B 36 22.98 -4.91 -17.21
CA VAL B 36 21.76 -4.36 -17.83
C VAL B 36 22.17 -3.32 -18.86
N ASN B 37 21.84 -3.50 -20.12
CA ASN B 37 22.16 -2.54 -21.13
C ASN B 37 21.04 -2.36 -22.17
N ALA B 38 21.29 -1.54 -23.18
CA ALA B 38 20.34 -1.27 -24.23
C ALA B 38 19.88 -2.42 -25.12
N ASP B 39 20.53 -3.56 -25.17
CA ASP B 39 19.99 -4.65 -25.97
C ASP B 39 19.28 -5.64 -25.05
N ASN B 40 19.40 -5.60 -23.72
CA ASN B 40 18.67 -6.61 -22.96
C ASN B 40 17.61 -6.11 -22.00
N VAL B 41 17.45 -4.80 -21.91
CA VAL B 41 16.50 -4.08 -21.06
C VAL B 41 15.07 -4.59 -21.14
N PHE B 42 14.69 -5.01 -22.34
CA PHE B 42 13.39 -5.54 -22.68
C PHE B 42 13.01 -6.68 -21.75
N LYS B 43 13.91 -7.49 -21.30
CA LYS B 43 13.78 -8.49 -20.29
C LYS B 43 13.80 -8.07 -18.83
N LEU B 44 14.04 -6.83 -18.40
CA LEU B 44 14.08 -6.55 -16.97
C LEU B 44 12.84 -7.03 -16.22
N THR B 45 13.02 -7.51 -14.99
CA THR B 45 11.84 -8.00 -14.28
C THR B 45 11.90 -7.80 -12.80
N PRO B 46 10.72 -7.55 -12.23
CA PRO B 46 10.61 -7.32 -10.79
C PRO B 46 11.13 -8.59 -10.12
N ALA B 47 11.87 -8.45 -9.04
CA ALA B 47 12.34 -9.58 -8.29
C ALA B 47 11.54 -9.79 -7.01
N TRP B 48 10.98 -8.72 -6.47
CA TRP B 48 10.25 -8.72 -5.23
C TRP B 48 9.84 -7.27 -4.89
N SER B 49 8.84 -7.28 -4.01
CA SER B 49 8.24 -6.02 -3.60
C SER B 49 7.94 -6.16 -2.13
N TYR B 50 8.17 -5.16 -1.38
CA TYR B 50 7.93 -4.90 0.01
C TYR B 50 6.92 -3.75 0.21
N SER B 51 5.84 -3.95 0.97
CA SER B 51 4.90 -2.86 1.22
C SER B 51 5.15 -2.23 2.59
N PHE B 52 5.04 -0.89 2.72
CA PHE B 52 5.36 -0.24 3.98
C PHE B 52 4.25 -0.34 5.02
N GLY B 53 3.01 -0.58 4.64
CA GLY B 53 1.85 -0.66 5.40
C GLY B 53 1.67 0.41 6.42
N ASP B 54 1.00 0.05 7.51
CA ASP B 54 0.66 0.86 8.65
C ASP B 54 -0.50 1.79 8.34
N GLU B 55 -1.08 1.65 7.17
CA GLU B 55 -2.10 2.61 6.80
C GLU B 55 -1.46 4.00 6.72
N LYS B 56 -0.18 4.07 6.34
CA LYS B 56 0.49 5.39 6.25
C LYS B 56 1.13 5.60 4.89
N GLN B 57 0.43 6.44 4.09
CA GLN B 57 0.92 6.54 2.69
C GLN B 57 1.36 7.93 2.36
N ARG B 58 0.83 8.69 1.42
CA ARG B 58 1.44 10.01 1.10
C ARG B 58 2.78 9.84 0.42
N GLY B 59 3.39 10.94 0.00
CA GLY B 59 4.57 10.91 -0.87
C GLY B 59 5.75 10.14 -0.33
N GLN B 60 6.36 9.33 -1.16
CA GLN B 60 7.50 8.50 -0.92
C GLN B 60 8.77 8.95 -1.68
N GLU B 61 9.47 9.95 -1.13
CA GLU B 61 10.65 10.45 -1.85
C GLU B 61 12.00 9.81 -1.60
N SER B 62 12.14 8.78 -0.79
CA SER B 62 13.41 8.28 -0.35
C SER B 62 14.41 7.60 -1.27
N GLN B 63 15.69 7.97 -1.20
CA GLN B 63 16.68 7.23 -1.99
C GLN B 63 17.28 6.23 -1.00
N ALA B 64 17.25 4.99 -1.44
CA ALA B 64 17.66 3.85 -0.60
C ALA B 64 19.19 3.79 -0.53
N ILE B 65 19.67 3.20 0.52
CA ILE B 65 21.05 2.95 0.88
C ILE B 65 21.31 1.46 1.07
N VAL B 66 22.12 0.84 0.24
CA VAL B 66 22.52 -0.54 0.40
C VAL B 66 23.96 -0.74 0.89
N SER B 67 24.09 -1.53 1.95
CA SER B 67 25.42 -1.92 2.45
C SER B 67 25.46 -3.38 2.91
N ASP B 68 26.28 -4.24 2.39
CA ASP B 68 26.45 -5.65 2.69
C ASP B 68 25.13 -6.42 2.78
N GLY B 69 24.42 -6.31 1.64
CA GLY B 69 23.15 -6.92 1.44
C GLY B 69 22.02 -6.50 2.34
N VAL B 70 22.04 -5.31 2.93
CA VAL B 70 20.89 -4.75 3.61
C VAL B 70 20.44 -3.42 2.99
N ILE B 71 19.24 -3.34 2.41
CA ILE B 71 18.76 -2.04 1.92
C ILE B 71 18.30 -1.30 3.16
N TYR B 72 18.68 -0.01 3.32
CA TYR B 72 18.18 0.79 4.43
C TYR B 72 17.22 1.77 3.78
N VAL B 73 15.94 1.90 4.07
CA VAL B 73 15.03 2.78 3.34
C VAL B 73 14.15 3.56 4.28
N THR B 74 13.82 4.77 3.89
CA THR B 74 12.95 5.67 4.69
C THR B 74 11.57 5.78 4.09
N ALA B 75 10.55 5.97 4.93
CA ALA B 75 9.19 6.09 4.41
C ALA B 75 8.49 7.31 4.89
N SER B 76 7.36 7.71 4.41
CA SER B 76 6.57 8.84 4.94
C SER B 76 6.32 8.63 6.42
N TYR B 77 5.90 9.69 7.10
CA TYR B 77 5.67 9.84 8.49
C TYR B 77 6.83 9.39 9.36
N SER B 78 8.06 9.65 9.02
CA SER B 78 9.29 9.37 9.72
C SER B 78 9.48 7.93 10.16
N ARG B 79 9.63 7.00 9.22
CA ARG B 79 9.91 5.61 9.50
C ARG B 79 11.21 5.14 8.81
N LEU B 80 11.84 4.08 9.34
CA LEU B 80 13.01 3.57 8.64
C LEU B 80 12.96 2.05 8.60
N PHE B 81 12.98 1.43 7.46
CA PHE B 81 12.95 0.01 7.24
C PHE B 81 14.30 -0.50 6.74
N ALA B 82 14.76 -1.60 7.30
CA ALA B 82 15.95 -2.36 6.97
C ALA B 82 15.60 -3.75 6.42
N LEU B 83 15.89 -4.07 5.19
CA LEU B 83 15.55 -5.15 4.35
C LEU B 83 16.70 -5.96 3.73
N ASP B 84 16.39 -7.25 3.57
CA ASP B 84 17.34 -8.19 2.99
C ASP B 84 17.46 -7.88 1.52
N ALA B 85 18.62 -7.57 0.99
CA ALA B 85 18.78 -7.25 -0.42
C ALA B 85 18.22 -8.31 -1.34
N LYS B 86 18.45 -9.57 -1.08
CA LYS B 86 18.12 -10.65 -1.97
C LYS B 86 16.67 -11.11 -1.88
N THR B 87 16.16 -11.35 -0.70
CA THR B 87 14.75 -11.83 -0.58
C THR B 87 13.99 -10.57 -0.35
N GLY B 88 12.80 -10.25 0.03
CA GLY B 88 12.64 -8.81 0.50
C GLY B 88 12.36 -8.84 2.01
N LYS B 89 12.94 -9.78 2.74
CA LYS B 89 12.66 -9.97 4.11
C LYS B 89 12.92 -8.71 4.93
N ARG B 90 12.05 -8.46 5.90
CA ARG B 90 12.23 -7.34 6.78
C ARG B 90 13.10 -7.76 7.96
N LEU B 91 14.11 -6.92 8.20
CA LEU B 91 14.98 -7.16 9.36
C LEU B 91 14.56 -6.43 10.62
N TRP B 92 14.24 -5.14 10.53
CA TRP B 92 13.77 -4.34 11.64
C TRP B 92 13.13 -3.05 11.14
N THR B 93 12.43 -2.28 11.96
CA THR B 93 11.94 -0.99 11.54
C THR B 93 11.97 -0.04 12.77
N TYR B 94 12.02 1.24 12.46
CA TYR B 94 11.87 2.23 13.52
C TYR B 94 10.73 3.17 13.18
N ASN B 95 9.84 3.51 14.12
CA ASN B 95 8.76 4.43 13.97
C ASN B 95 8.95 5.66 14.84
N HIS B 96 9.03 6.86 14.33
CA HIS B 96 9.22 7.99 15.27
C HIS B 96 7.95 8.48 15.86
N ARG B 97 7.80 8.68 17.17
CA ARG B 97 6.47 9.21 17.57
C ARG B 97 6.46 10.65 17.09
N LEU B 98 5.46 11.08 16.36
CA LEU B 98 5.28 12.41 15.81
C LEU B 98 4.22 13.18 16.61
N PRO B 99 4.60 14.30 17.24
CA PRO B 99 3.64 15.16 17.89
C PRO B 99 2.53 15.47 16.90
N ASP B 100 1.49 16.09 17.42
CA ASP B 100 0.33 16.42 16.64
C ASP B 100 0.32 17.77 15.99
N ASP B 101 1.32 18.62 16.26
CA ASP B 101 1.47 19.97 15.80
C ASP B 101 2.70 20.18 14.94
N ILE B 102 3.03 19.21 14.13
CA ILE B 102 3.98 19.22 13.02
C ILE B 102 3.47 20.06 11.87
N ARG B 103 4.24 20.73 11.09
CA ARG B 103 3.87 21.52 9.92
C ARG B 103 4.98 21.58 8.81
N PRO B 104 5.24 20.44 8.19
CA PRO B 104 5.99 20.35 6.94
C PRO B 104 5.23 21.06 5.84
N CYS B 105 5.79 21.82 4.96
CA CYS B 105 5.09 22.60 3.98
C CYS B 105 4.51 21.78 2.86
N CYS B 106 5.21 20.73 2.44
CA CYS B 106 4.95 20.13 1.16
C CYS B 106 4.87 18.62 1.17
N ASP B 107 4.31 18.11 2.31
CA ASP B 107 3.92 16.72 2.55
C ASP B 107 4.90 16.02 3.51
N VAL B 108 4.42 14.97 4.15
CA VAL B 108 5.25 14.25 5.12
C VAL B 108 6.33 13.36 4.52
N VAL B 109 7.20 13.84 3.64
CA VAL B 109 8.29 13.13 3.02
C VAL B 109 9.62 13.25 3.73
N ASN B 110 10.55 12.41 3.42
CA ASN B 110 11.85 12.06 3.82
C ASN B 110 12.66 11.57 2.59
N ARG B 111 13.92 12.03 2.47
CA ARG B 111 14.68 11.85 1.24
C ARG B 111 15.82 10.87 1.29
N GLY B 112 16.17 10.40 2.50
CA GLY B 112 17.19 9.44 2.77
C GLY B 112 17.89 9.48 4.09
N ALA B 113 18.76 8.49 4.26
CA ALA B 113 19.61 8.25 5.42
C ALA B 113 21.08 8.28 5.01
N ALA B 114 21.98 8.12 5.97
CA ALA B 114 23.41 8.02 5.73
C ALA B 114 23.89 6.86 6.60
N ILE B 115 24.93 6.13 6.33
CA ILE B 115 25.59 5.07 7.03
C ILE B 115 27.04 5.50 7.32
N TYR B 116 27.57 5.33 8.51
CA TYR B 116 28.89 5.58 8.95
C TYR B 116 29.21 4.60 10.12
N GLY B 117 30.27 3.79 9.96
CA GLY B 117 30.58 2.87 11.06
C GLY B 117 29.46 1.84 11.19
N ASP B 118 28.89 1.73 12.38
CA ASP B 118 27.82 0.76 12.62
C ASP B 118 26.47 1.43 12.88
N LYS B 119 26.31 2.66 12.42
CA LYS B 119 25.13 3.43 12.69
C LYS B 119 24.47 3.94 11.40
N VAL B 120 23.15 4.09 11.51
CA VAL B 120 22.30 4.61 10.44
C VAL B 120 21.71 5.91 10.91
N PHE B 121 21.52 6.86 10.00
CA PHE B 121 21.15 8.21 10.40
C PHE B 121 20.02 8.80 9.59
N PHE B 122 19.12 9.58 10.16
CA PHE B 122 18.17 10.26 9.31
C PHE B 122 17.45 11.36 10.09
N GLY B 123 16.85 12.31 9.40
CA GLY B 123 16.14 13.41 10.01
C GLY B 123 14.65 13.17 10.08
N THR B 124 13.98 13.83 11.05
CA THR B 124 12.59 13.53 11.34
C THR B 124 11.66 14.74 11.30
N LEU B 125 10.34 14.49 11.11
CA LEU B 125 9.51 15.66 10.84
C LEU B 125 9.36 16.60 12.01
N ASP B 126 9.62 16.43 13.24
CA ASP B 126 9.40 17.24 14.43
C ASP B 126 10.71 17.99 14.70
N ALA B 127 11.54 18.17 13.71
CA ALA B 127 12.88 18.63 13.66
C ALA B 127 13.80 17.93 14.67
N SER B 128 14.12 16.67 14.52
CA SER B 128 15.12 15.94 15.25
C SER B 128 16.09 15.19 14.29
N VAL B 129 17.15 14.59 14.85
CA VAL B 129 18.02 13.75 14.09
C VAL B 129 18.22 12.57 15.06
N VAL B 130 18.02 11.38 14.53
CA VAL B 130 18.08 10.12 15.24
C VAL B 130 19.21 9.26 14.72
N ALA B 131 19.88 8.56 15.61
CA ALA B 131 20.92 7.61 15.22
C ALA B 131 20.51 6.21 15.63
N LEU B 132 20.66 5.23 14.76
CA LEU B 132 20.29 3.85 15.10
C LEU B 132 21.45 2.91 14.81
N ASN B 133 21.49 1.78 15.50
CA ASN B 133 22.54 0.77 15.22
C ASN B 133 22.07 0.06 13.97
N LYS B 134 22.88 -0.06 12.97
CA LYS B 134 22.60 -0.65 11.70
C LYS B 134 22.22 -2.12 11.79
N ASN B 135 22.37 -2.78 12.93
CA ASN B 135 22.14 -4.21 13.05
C ASN B 135 20.90 -4.53 13.87
N THR B 136 20.70 -3.69 14.85
CA THR B 136 19.54 -3.81 15.76
C THR B 136 18.51 -2.80 15.30
N GLY B 137 17.37 -2.55 15.88
CA GLY B 137 16.69 -1.26 15.47
C GLY B 137 16.93 -0.20 16.56
N LYS B 138 17.76 -0.48 17.53
CA LYS B 138 18.06 0.27 18.71
C LYS B 138 18.62 1.66 18.45
N VAL B 139 17.89 2.61 19.03
CA VAL B 139 18.25 4.00 19.10
C VAL B 139 19.52 4.19 19.94
N VAL B 140 20.51 4.84 19.32
CA VAL B 140 21.77 5.14 20.01
C VAL B 140 21.73 6.59 20.51
N TRP B 141 21.50 7.60 19.68
CA TRP B 141 21.29 8.92 20.23
C TRP B 141 20.13 9.64 19.49
N LYS B 142 19.42 10.50 20.20
CA LYS B 142 18.57 11.44 19.56
C LYS B 142 18.73 12.94 19.93
N LYS B 143 18.85 13.78 18.87
CA LYS B 143 18.76 15.21 19.16
C LYS B 143 17.69 15.97 18.42
N LYS B 144 16.88 16.72 19.14
CA LYS B 144 15.90 17.63 18.60
C LYS B 144 16.51 19.04 18.55
N PHE B 145 16.73 19.61 17.37
CA PHE B 145 17.42 20.84 17.20
C PHE B 145 16.54 22.05 17.02
N ALA B 146 15.22 22.06 16.98
CA ALA B 146 14.48 23.25 16.67
C ALA B 146 13.02 23.05 17.08
N ASP B 147 12.38 24.21 17.22
CA ASP B 147 10.96 24.19 17.58
C ASP B 147 10.14 24.00 16.30
N HIS B 148 9.43 22.85 16.32
CA HIS B 148 8.59 22.47 15.17
C HIS B 148 7.36 23.34 15.15
N GLY B 149 6.98 23.73 16.38
CA GLY B 149 5.83 24.57 16.60
C GLY B 149 6.05 25.94 15.98
N ALA B 150 7.29 26.36 15.79
CA ALA B 150 7.56 27.61 15.09
C ALA B 150 7.71 27.46 13.58
N GLY B 151 7.69 26.27 13.02
CA GLY B 151 7.86 26.14 11.59
C GLY B 151 8.99 25.23 11.15
N TYR B 152 9.94 24.85 11.97
CA TYR B 152 10.99 23.95 11.45
C TYR B 152 10.55 22.49 11.25
N THR B 153 11.09 21.90 10.20
CA THR B 153 11.18 20.45 10.09
C THR B 153 12.55 20.10 9.39
N MET B 154 12.58 18.85 8.97
CA MET B 154 13.67 18.20 8.28
C MET B 154 13.09 17.17 7.32
N THR B 155 13.43 17.24 6.05
CA THR B 155 12.95 16.37 5.01
C THR B 155 14.04 15.71 4.12
N GLY B 156 15.24 16.36 4.14
CA GLY B 156 16.36 16.00 3.36
C GLY B 156 17.35 15.01 3.97
N ALA B 157 18.10 14.31 3.07
CA ALA B 157 19.12 13.38 3.60
C ALA B 157 20.36 14.11 4.14
N PRO B 158 20.93 13.56 5.19
CA PRO B 158 22.18 13.98 5.80
C PRO B 158 23.34 13.28 5.11
N THR B 159 24.55 13.77 5.18
CA THR B 159 25.71 13.15 4.56
C THR B 159 26.84 13.11 5.61
N ILE B 160 27.90 12.38 5.38
CA ILE B 160 29.03 12.20 6.22
C ILE B 160 30.22 12.84 5.50
N VAL B 161 31.00 13.52 6.35
CA VAL B 161 32.23 14.13 5.69
C VAL B 161 33.45 14.17 6.59
N LYS B 162 34.66 14.16 6.00
CA LYS B 162 35.89 14.20 6.80
C LYS B 162 36.74 15.47 6.56
N ASP B 163 36.87 16.22 7.68
CA ASP B 163 37.72 17.40 7.79
C ASP B 163 39.15 17.01 7.48
N GLY B 164 39.68 17.53 6.41
CA GLY B 164 41.03 17.14 5.98
C GLY B 164 42.09 17.89 6.77
N LYS B 165 41.68 18.82 7.59
CA LYS B 165 42.43 19.67 8.44
C LYS B 165 42.57 19.11 9.86
N THR B 166 41.47 18.94 10.53
CA THR B 166 41.46 18.47 11.90
C THR B 166 41.44 16.98 12.06
N GLY B 167 41.16 16.30 10.96
CA GLY B 167 41.05 14.86 10.91
C GLY B 167 39.68 14.28 11.22
N LYS B 168 38.75 15.05 11.74
CA LYS B 168 37.47 14.56 12.21
C LYS B 168 36.47 14.20 11.12
N VAL B 169 35.64 13.21 11.48
CA VAL B 169 34.52 12.75 10.66
C VAL B 169 33.26 13.43 11.17
N LEU B 170 32.48 14.07 10.29
CA LEU B 170 31.30 14.79 10.75
C LEU B 170 30.01 14.27 10.13
N LEU B 171 28.91 14.58 10.81
CA LEU B 171 27.60 14.29 10.18
C LEU B 171 27.07 15.66 9.73
N ILE B 172 26.81 15.81 8.45
CA ILE B 172 26.23 17.06 7.93
C ILE B 172 24.75 17.02 7.62
N HIS B 173 23.99 17.93 8.29
CA HIS B 173 22.58 18.05 7.99
C HIS B 173 22.07 19.48 7.97
N GLY B 174 20.97 19.77 7.28
CA GLY B 174 20.29 21.01 7.14
C GLY B 174 19.00 21.20 7.91
N SER B 175 18.04 22.05 7.52
CA SER B 175 16.78 22.37 8.15
C SER B 175 15.73 22.85 7.13
N SER B 176 14.49 23.02 7.57
CA SER B 176 13.44 23.34 6.64
C SER B 176 12.36 24.27 7.22
N GLY B 177 11.70 25.06 6.34
CA GLY B 177 10.70 26.00 6.71
C GLY B 177 10.77 27.42 6.19
N ASP B 178 11.30 27.67 5.00
CA ASP B 178 11.25 29.03 4.44
C ASP B 178 9.85 29.68 4.47
N GLU B 179 8.79 28.89 4.19
CA GLU B 179 7.42 29.24 4.13
C GLU B 179 6.80 29.64 5.47
N PHE B 180 7.49 29.22 6.51
CA PHE B 180 7.05 29.57 7.85
C PHE B 180 7.85 30.70 8.49
N GLY B 181 8.84 31.26 7.78
CA GLY B 181 9.52 32.44 8.24
C GLY B 181 10.53 32.13 9.34
N VAL B 182 11.19 31.02 9.11
CA VAL B 182 12.28 30.56 9.95
C VAL B 182 13.63 31.06 9.43
N VAL B 183 14.64 31.12 10.29
CA VAL B 183 16.00 31.48 10.00
C VAL B 183 16.67 30.15 9.63
N GLY B 184 17.02 29.90 8.39
CA GLY B 184 17.61 28.62 8.02
C GLY B 184 19.01 28.42 8.59
N ARG B 185 19.36 27.17 8.94
CA ARG B 185 20.62 26.75 9.50
C ARG B 185 21.18 25.40 9.01
N LEU B 186 22.51 25.37 8.97
CA LEU B 186 23.35 24.27 8.61
C LEU B 186 24.07 23.79 9.88
N PHE B 187 24.23 22.47 9.91
CA PHE B 187 24.82 21.84 11.10
C PHE B 187 25.85 20.74 10.85
N ALA B 188 26.75 20.58 11.80
CA ALA B 188 27.77 19.54 11.88
C ALA B 188 27.61 18.88 13.26
N ARG B 189 27.71 17.54 13.21
CA ARG B 189 27.59 16.79 14.47
C ARG B 189 28.60 15.65 14.52
N ASP B 190 28.82 15.20 15.74
CA ASP B 190 29.60 14.02 16.07
C ASP B 190 28.74 12.75 15.90
N PRO B 191 29.18 11.87 15.01
CA PRO B 191 28.47 10.67 14.64
C PRO B 191 28.05 9.75 15.78
N ASP B 192 28.84 9.55 16.81
CA ASP B 192 28.64 8.71 17.95
C ASP B 192 27.94 9.41 19.06
N THR B 193 27.72 10.72 19.07
CA THR B 193 27.02 11.29 20.24
C THR B 193 25.94 12.28 19.80
N GLY B 194 26.08 12.64 18.52
CA GLY B 194 25.22 13.66 17.94
C GLY B 194 25.33 14.99 18.66
N GLU B 195 26.53 15.39 19.02
CA GLU B 195 26.80 16.60 19.77
C GLU B 195 27.15 17.70 18.77
N GLU B 196 26.60 18.89 19.00
CA GLU B 196 26.79 19.95 18.02
C GLU B 196 28.20 20.48 17.94
N ILE B 197 28.98 20.14 16.94
CA ILE B 197 30.29 20.70 16.68
C ILE B 197 30.14 22.16 16.19
N TRP B 198 29.35 22.37 15.13
CA TRP B 198 29.09 23.70 14.64
C TRP B 198 27.72 23.92 14.00
N MET B 199 27.19 25.15 14.13
CA MET B 199 25.91 25.64 13.67
C MET B 199 26.08 26.93 12.85
N ARG B 200 25.51 27.07 11.66
CA ARG B 200 25.72 28.27 10.86
C ARG B 200 24.47 28.79 10.20
N PRO B 201 24.02 29.99 10.57
CA PRO B 201 22.85 30.60 9.94
C PRO B 201 23.27 31.07 8.54
N PHE B 202 22.35 31.24 7.62
CA PHE B 202 22.52 31.62 6.27
C PHE B 202 21.75 32.90 5.93
N VAL B 203 21.14 33.57 6.92
CA VAL B 203 20.74 34.94 6.58
C VAL B 203 21.84 35.89 7.15
N GLU B 204 22.34 36.82 6.37
CA GLU B 204 23.39 37.78 6.67
C GLU B 204 23.19 38.55 7.97
N GLY B 205 24.20 38.57 8.83
CA GLY B 205 24.19 39.21 10.12
C GLY B 205 23.81 38.32 11.28
N HIS B 206 23.40 37.07 11.06
CA HIS B 206 23.08 36.14 12.17
C HIS B 206 24.31 35.42 12.74
N MET B 207 24.27 35.11 14.01
CA MET B 207 25.22 34.53 14.90
C MET B 207 25.27 33.02 14.84
N GLY B 208 26.45 32.52 14.49
CA GLY B 208 26.74 31.13 14.23
C GLY B 208 27.30 30.41 15.44
N ARG B 209 27.36 29.09 15.55
CA ARG B 209 27.95 28.53 16.77
C ARG B 209 29.18 27.70 16.43
N LEU B 210 30.03 27.48 17.40
CA LEU B 210 31.27 26.75 17.38
C LEU B 210 31.59 26.11 18.73
N ASN B 211 31.98 24.84 18.73
CA ASN B 211 32.22 24.04 19.88
C ASN B 211 31.38 24.40 21.09
N GLY B 212 30.09 24.61 20.98
CA GLY B 212 29.22 24.89 22.06
C GLY B 212 28.88 26.30 22.38
N LYS B 213 29.76 27.24 22.09
CA LYS B 213 29.34 28.62 22.41
C LYS B 213 29.39 29.47 21.13
N ASP B 214 28.73 30.63 21.16
CA ASP B 214 28.76 31.47 19.99
C ASP B 214 30.15 31.57 19.39
N SER B 215 30.16 31.91 18.11
CA SER B 215 31.43 32.10 17.42
C SER B 215 31.40 33.44 16.70
N THR B 216 31.03 33.46 15.41
CA THR B 216 31.25 34.63 14.60
C THR B 216 30.20 35.43 13.90
N VAL B 217 29.22 35.02 13.16
CA VAL B 217 28.31 35.97 12.46
C VAL B 217 28.58 35.85 10.94
N THR B 218 27.49 35.67 10.19
CA THR B 218 27.58 35.42 8.75
C THR B 218 27.68 36.73 7.98
N GLY B 219 28.84 37.10 7.51
CA GLY B 219 29.06 38.41 6.85
C GLY B 219 29.14 39.60 7.80
N ASP B 220 28.73 40.79 7.36
CA ASP B 220 28.64 42.01 8.12
C ASP B 220 27.50 42.08 9.12
N VAL B 221 27.71 42.56 10.33
CA VAL B 221 26.67 42.63 11.33
C VAL B 221 25.51 43.57 11.06
N LYS B 222 25.76 44.76 10.59
CA LYS B 222 24.86 45.77 10.10
C LYS B 222 24.00 45.12 9.02
N ALA B 223 24.39 44.11 8.28
CA ALA B 223 23.58 43.37 7.32
C ALA B 223 23.12 44.28 6.23
N PRO B 224 24.10 44.86 5.53
CA PRO B 224 23.71 45.79 4.45
C PRO B 224 22.74 45.22 3.42
N SER B 225 22.65 43.93 3.14
CA SER B 225 21.74 43.48 2.09
C SER B 225 20.26 43.47 2.46
N TRP B 226 19.74 43.60 3.63
CA TRP B 226 18.38 43.70 4.08
C TRP B 226 18.05 45.13 4.51
N PRO B 227 16.85 45.65 4.26
CA PRO B 227 16.48 46.99 4.63
C PRO B 227 16.34 47.29 6.10
N ASP B 228 16.92 48.43 6.45
CA ASP B 228 16.93 48.87 7.84
C ASP B 228 15.63 49.49 8.31
N ASP B 229 15.48 49.57 9.61
CA ASP B 229 14.33 50.17 10.25
C ASP B 229 14.81 50.78 11.57
N ARG B 230 14.82 52.10 11.71
CA ARG B 230 15.32 52.67 12.97
C ARG B 230 14.27 52.73 14.07
N ASN B 231 13.16 52.00 13.95
CA ASN B 231 12.18 51.84 14.98
C ASN B 231 12.28 50.49 15.65
N SER B 232 12.41 49.37 14.96
CA SER B 232 12.53 48.08 15.64
C SER B 232 13.88 47.87 16.32
N PRO B 233 13.89 47.01 17.35
CA PRO B 233 14.98 46.60 18.19
C PRO B 233 16.30 46.17 17.57
N THR B 234 16.19 45.56 16.41
CA THR B 234 17.30 45.06 15.64
C THR B 234 17.77 46.15 14.73
N GLY B 235 17.05 47.26 14.50
CA GLY B 235 17.41 48.15 13.42
C GLY B 235 17.14 47.57 12.03
N LYS B 236 16.61 46.32 11.98
CA LYS B 236 16.47 45.79 10.60
C LYS B 236 15.01 45.60 10.32
N VAL B 237 14.48 45.23 9.18
CA VAL B 237 13.04 45.02 9.05
C VAL B 237 12.65 43.66 9.62
N GLU B 238 11.33 43.47 9.79
CA GLU B 238 10.85 42.22 10.42
C GLU B 238 11.34 40.97 9.70
N SER B 239 11.27 40.96 8.38
CA SER B 239 11.75 39.87 7.57
C SER B 239 13.14 39.40 7.96
N TRP B 240 14.10 40.30 8.24
CA TRP B 240 15.41 40.00 8.76
C TRP B 240 15.33 38.95 9.89
N SER B 241 14.39 38.94 10.83
CA SER B 241 14.43 37.84 11.80
C SER B 241 13.77 36.54 11.32
N HIS B 242 13.09 36.49 10.21
CA HIS B 242 12.33 35.43 9.62
C HIS B 242 12.78 35.15 8.22
N GLY B 243 14.07 35.48 8.01
CA GLY B 243 14.71 35.46 6.73
C GLY B 243 14.76 34.23 5.86
N GLY B 244 14.83 32.97 6.37
CA GLY B 244 14.92 31.91 5.41
C GLY B 244 16.28 31.42 5.01
N GLY B 245 16.55 31.07 3.77
CA GLY B 245 17.79 30.50 3.30
C GLY B 245 18.03 29.07 3.82
N ALA B 246 17.05 28.32 4.36
CA ALA B 246 17.19 26.94 4.82
C ALA B 246 17.70 25.92 3.78
N PRO B 247 18.77 25.20 4.08
CA PRO B 247 19.31 24.16 3.21
C PRO B 247 18.52 22.88 3.47
N TRP B 248 17.43 22.64 2.77
CA TRP B 248 16.49 21.55 2.91
C TRP B 248 16.78 20.38 1.97
N GLN B 249 17.86 20.43 1.24
CA GLN B 249 18.31 19.38 0.37
C GLN B 249 19.61 18.84 0.97
N SER B 250 20.67 18.40 0.29
CA SER B 250 21.78 17.76 0.93
C SER B 250 23.10 18.33 0.51
N ALA B 251 24.06 18.10 1.38
CA ALA B 251 25.37 18.71 0.86
C ALA B 251 26.07 17.87 -0.17
N SER B 252 27.07 18.33 -0.85
CA SER B 252 28.03 17.60 -1.72
C SER B 252 29.52 17.87 -1.27
N PHE B 253 30.46 16.95 -1.47
CA PHE B 253 31.77 17.32 -0.91
C PHE B 253 32.99 17.05 -1.75
N ASP B 254 33.89 18.04 -1.70
CA ASP B 254 35.12 18.07 -2.45
C ASP B 254 36.38 17.95 -1.60
N ALA B 255 36.99 16.79 -1.53
CA ALA B 255 38.22 16.51 -0.76
C ALA B 255 39.47 17.34 -1.13
N GLU B 256 39.62 17.59 -2.38
CA GLU B 256 40.66 18.38 -2.99
C GLU B 256 40.65 19.81 -2.47
N THR B 257 39.60 20.45 -1.99
CA THR B 257 39.77 21.80 -1.44
C THR B 257 39.40 21.90 0.01
N ASN B 258 38.92 20.82 0.59
CA ASN B 258 38.37 20.73 1.91
C ASN B 258 37.13 21.67 2.11
N THR B 259 36.18 21.48 1.17
CA THR B 259 34.93 22.19 1.14
C THR B 259 33.59 21.46 1.04
N ILE B 260 32.68 21.85 1.93
CA ILE B 260 31.31 21.34 1.87
C ILE B 260 30.52 22.12 0.82
N ILE B 261 29.83 21.54 -0.16
CA ILE B 261 29.07 22.39 -1.09
C ILE B 261 27.58 22.10 -0.95
N VAL B 262 26.81 23.04 -0.44
CA VAL B 262 25.42 23.11 -0.13
C VAL B 262 24.62 24.34 -0.66
N GLY B 263 23.35 24.07 -1.03
CA GLY B 263 22.44 25.11 -1.46
C GLY B 263 21.72 25.86 -0.35
N ALA B 264 21.47 27.17 -0.49
CA ALA B 264 20.63 27.89 0.45
C ALA B 264 19.24 28.09 -0.17
N GLY B 265 18.16 27.94 0.60
CA GLY B 265 16.81 28.13 0.15
C GLY B 265 16.26 29.55 0.08
N ASN B 266 15.08 29.73 -0.46
CA ASN B 266 14.47 31.02 -0.69
C ASN B 266 14.38 31.81 0.61
N PRO B 267 14.41 33.12 0.50
CA PRO B 267 14.26 33.98 1.68
C PRO B 267 12.77 34.12 2.04
N GLY B 268 12.44 34.54 3.24
CA GLY B 268 11.10 34.76 3.75
C GLY B 268 10.67 36.22 3.56
N PRO B 269 9.44 36.62 3.81
CA PRO B 269 8.27 36.17 3.09
C PRO B 269 8.40 36.15 1.58
N TRP B 270 7.42 35.54 0.84
CA TRP B 270 7.73 35.45 -0.60
C TRP B 270 7.91 36.85 -1.17
N ASN B 271 7.04 37.76 -0.86
CA ASN B 271 6.98 39.15 -1.26
C ASN B 271 8.27 39.96 -1.16
N THR B 272 8.66 40.47 -2.32
CA THR B 272 9.83 41.30 -2.53
C THR B 272 9.76 42.60 -1.75
N TRP B 273 8.62 43.22 -1.60
CA TRP B 273 8.47 44.42 -0.76
C TRP B 273 8.62 44.30 0.71
N ALA B 274 8.48 43.10 1.27
CA ALA B 274 8.80 42.96 2.69
C ALA B 274 10.32 43.04 2.75
N ARG B 275 11.08 42.68 1.73
CA ARG B 275 12.53 42.79 1.81
C ARG B 275 13.19 43.91 1.03
N THR B 276 12.50 45.01 0.77
CA THR B 276 12.96 46.20 0.10
C THR B 276 12.53 47.48 0.83
N ALA B 277 13.48 48.43 0.86
CA ALA B 277 13.17 49.69 1.56
C ALA B 277 11.87 50.32 1.02
N LYS B 278 11.04 50.94 1.87
CA LYS B 278 9.82 51.56 1.32
C LYS B 278 10.27 52.48 0.19
N GLY B 279 9.47 52.72 -0.83
CA GLY B 279 10.01 53.60 -1.94
C GLY B 279 10.92 52.57 -2.61
N GLY B 280 12.22 52.75 -2.56
CA GLY B 280 13.16 51.71 -2.86
C GLY B 280 13.10 50.79 -4.05
N ASN B 281 14.29 50.27 -4.37
CA ASN B 281 14.44 49.36 -5.51
C ASN B 281 15.03 48.02 -5.12
N PRO B 282 14.32 46.99 -5.56
CA PRO B 282 14.74 45.61 -5.36
C PRO B 282 15.68 45.30 -6.50
N HIS B 283 16.91 45.74 -6.43
CA HIS B 283 18.07 45.61 -7.28
C HIS B 283 19.14 46.06 -6.28
N ASP B 284 20.01 45.10 -5.95
CA ASP B 284 20.87 45.42 -4.78
C ASP B 284 19.96 45.92 -3.61
N TYR B 285 19.20 44.94 -3.14
CA TYR B 285 18.85 44.52 -1.82
C TYR B 285 18.84 42.97 -1.96
N ASP B 286 20.03 42.40 -2.11
CA ASP B 286 20.15 40.94 -2.33
C ASP B 286 19.70 40.32 -1.01
N SER B 287 19.06 39.18 -0.87
CA SER B 287 18.78 38.92 0.59
C SER B 287 19.90 38.00 1.04
N LEU B 288 21.09 38.50 1.32
CA LEU B 288 22.25 37.69 1.57
C LEU B 288 22.03 36.55 2.58
N TYR B 289 22.56 35.41 2.26
CA TYR B 289 22.89 34.14 1.87
C TYR B 289 21.79 33.26 1.36
N THR B 290 20.72 33.81 0.81
CA THR B 290 19.57 33.07 0.33
C THR B 290 19.49 32.82 -1.15
N SER B 291 18.98 31.65 -1.52
CA SER B 291 18.81 31.18 -2.89
C SER B 291 20.07 31.20 -3.71
N GLY B 292 21.11 30.55 -3.27
CA GLY B 292 22.42 30.38 -3.89
C GLY B 292 23.17 29.17 -3.33
N GLN B 293 24.28 28.80 -3.98
CA GLN B 293 25.19 27.76 -3.54
C GLN B 293 26.33 28.40 -2.73
N VAL B 294 26.52 27.82 -1.53
CA VAL B 294 27.44 28.23 -0.50
C VAL B 294 28.61 27.25 -0.32
N GLY B 295 29.85 27.76 -0.22
CA GLY B 295 30.99 26.85 -0.05
C GLY B 295 31.30 26.86 1.44
N VAL B 296 31.48 25.72 2.15
CA VAL B 296 31.63 25.83 3.60
C VAL B 296 32.87 25.14 4.12
N ASP B 297 33.46 25.78 5.12
CA ASP B 297 34.66 25.28 5.78
C ASP B 297 34.20 24.25 6.82
N PRO B 298 34.69 23.02 6.65
CA PRO B 298 34.38 21.88 7.51
C PRO B 298 34.80 22.01 8.96
N SER B 299 35.92 22.68 9.18
CA SER B 299 36.47 22.83 10.52
C SER B 299 35.75 23.83 11.39
N SER B 300 35.27 24.92 10.85
CA SER B 300 34.60 25.91 11.65
C SER B 300 33.19 26.27 11.25
N GLY B 301 32.71 25.88 10.09
CA GLY B 301 31.40 26.26 9.61
C GLY B 301 31.35 27.72 9.16
N GLU B 302 32.48 28.28 8.75
CA GLU B 302 32.41 29.65 8.23
C GLU B 302 32.24 29.56 6.71
N VAL B 303 31.65 30.59 6.16
CA VAL B 303 31.40 30.57 4.73
C VAL B 303 32.65 30.79 3.93
N LYS B 304 32.99 29.84 3.05
CA LYS B 304 34.16 29.98 2.21
C LYS B 304 33.77 30.90 1.06
N TRP B 305 32.82 30.56 0.21
CA TRP B 305 32.44 31.39 -0.93
C TRP B 305 30.95 31.23 -1.19
N PHE B 306 30.38 31.99 -2.09
CA PHE B 306 28.95 31.91 -2.34
C PHE B 306 28.54 32.39 -3.70
N TYR B 307 27.73 31.74 -4.49
CA TYR B 307 27.31 32.21 -5.80
C TYR B 307 25.77 32.27 -5.70
N GLN B 308 25.16 33.45 -5.78
CA GLN B 308 23.71 33.48 -5.56
C GLN B 308 22.96 33.21 -6.85
N HIS B 309 21.82 32.48 -6.87
CA HIS B 309 21.18 32.30 -8.19
C HIS B 309 20.01 33.26 -8.44
N THR B 310 19.27 33.71 -7.47
CA THR B 310 18.21 34.71 -7.70
C THR B 310 18.48 35.78 -6.65
N PRO B 311 19.30 36.76 -7.03
CA PRO B 311 19.56 37.91 -6.17
C PRO B 311 18.31 38.44 -5.53
N ASN B 312 17.07 38.65 -5.91
CA ASN B 312 16.14 39.08 -4.81
C ASN B 312 14.86 38.29 -5.12
N ASP B 313 14.90 37.03 -4.63
CA ASP B 313 13.89 36.06 -4.93
C ASP B 313 12.48 36.55 -4.57
N ALA B 314 11.84 37.03 -5.59
CA ALA B 314 10.46 37.53 -5.48
C ALA B 314 9.43 36.41 -5.65
N TRP B 315 9.71 35.40 -6.42
CA TRP B 315 9.07 34.23 -6.91
C TRP B 315 9.17 32.91 -6.17
N ASP B 316 9.83 32.77 -5.05
CA ASP B 316 10.08 31.48 -4.40
C ASP B 316 10.72 30.48 -5.37
N PHE B 317 11.87 30.85 -5.91
CA PHE B 317 12.72 30.09 -6.81
C PHE B 317 13.80 29.46 -5.92
N SER B 318 13.39 28.81 -4.83
CA SER B 318 14.25 28.23 -3.83
C SER B 318 15.53 27.75 -4.49
N GLY B 319 16.70 28.30 -4.27
CA GLY B 319 17.87 28.04 -5.07
C GLY B 319 18.90 27.07 -4.54
N ASN B 320 18.53 25.98 -3.89
CA ASN B 320 19.22 24.94 -3.23
C ASN B 320 19.08 23.52 -3.85
N ASN B 321 18.68 23.49 -5.12
CA ASN B 321 18.73 22.22 -5.85
C ASN B 321 20.12 21.65 -5.71
N GLU B 322 20.41 20.38 -6.00
CA GLU B 322 21.73 19.75 -5.81
C GLU B 322 22.91 20.29 -6.64
N LEU B 323 24.18 20.10 -6.28
CA LEU B 323 25.38 20.48 -6.99
C LEU B 323 26.23 19.33 -7.47
N VAL B 324 26.32 19.00 -8.76
CA VAL B 324 27.13 17.80 -9.09
C VAL B 324 28.58 18.20 -9.47
N LEU B 325 29.59 17.62 -8.84
CA LEU B 325 30.90 18.02 -9.25
C LEU B 325 31.26 17.39 -10.58
N PHE B 326 31.57 18.11 -11.65
CA PHE B 326 32.08 17.57 -12.88
C PHE B 326 33.34 18.38 -13.30
N ASP B 327 34.06 17.76 -14.22
CA ASP B 327 35.15 18.41 -14.89
C ASP B 327 34.65 19.09 -16.17
N TYR B 328 34.57 20.40 -16.06
CA TYR B 328 34.19 21.27 -17.16
C TYR B 328 35.34 21.59 -18.14
N LYS B 329 35.11 21.18 -19.38
CA LYS B 329 36.06 21.42 -20.46
C LYS B 329 35.48 22.63 -21.21
N ALA B 330 35.73 23.80 -20.70
CA ALA B 330 35.32 25.10 -21.12
C ALA B 330 34.48 25.19 -22.40
N LYS B 331 35.18 25.22 -23.52
CA LYS B 331 34.59 25.32 -24.85
C LYS B 331 35.75 25.17 -25.86
N ASP B 332 36.94 25.07 -25.27
CA ASP B 332 38.19 24.93 -25.98
C ASP B 332 39.40 25.03 -25.04
N GLY B 333 39.84 23.85 -24.59
CA GLY B 333 41.03 23.70 -23.82
C GLY B 333 41.13 23.53 -22.33
N LYS B 334 40.76 24.53 -21.56
CA LYS B 334 40.93 24.54 -20.12
C LYS B 334 39.95 23.71 -19.30
N ILE B 335 40.36 22.55 -18.78
CA ILE B 335 39.49 21.83 -17.87
C ILE B 335 39.38 22.59 -16.54
N VAL B 336 38.12 22.89 -16.20
CA VAL B 336 37.79 23.55 -14.95
C VAL B 336 37.04 22.63 -13.97
N LYS B 337 37.45 22.58 -12.71
CA LYS B 337 36.79 21.75 -11.71
C LYS B 337 35.54 22.52 -11.26
N ALA B 338 34.38 22.04 -11.67
CA ALA B 338 33.16 22.77 -11.50
C ALA B 338 32.02 22.06 -10.79
N THR B 339 31.06 22.88 -10.42
CA THR B 339 29.67 22.67 -10.00
C THR B 339 28.71 22.86 -11.16
N ALA B 340 27.68 22.01 -11.17
CA ALA B 340 26.61 22.08 -12.15
C ALA B 340 25.26 22.03 -11.39
N HIS B 341 24.33 22.81 -11.91
CA HIS B 341 23.07 23.03 -11.21
C HIS B 341 22.02 23.48 -12.21
N ALA B 342 20.90 22.80 -12.07
CA ALA B 342 19.67 23.03 -12.84
C ALA B 342 18.67 23.67 -11.87
N ASP B 343 18.59 24.97 -11.80
CA ASP B 343 17.77 25.64 -10.79
C ASP B 343 16.25 25.72 -10.98
N ARG B 344 15.56 26.08 -9.90
CA ARG B 344 14.10 26.31 -9.94
C ARG B 344 13.74 27.42 -10.94
N ASN B 345 14.60 28.44 -11.03
CA ASN B 345 14.36 29.58 -11.88
C ASN B 345 14.72 29.25 -13.34
N GLY B 346 14.69 28.07 -13.90
CA GLY B 346 14.85 27.80 -15.29
C GLY B 346 16.19 27.77 -15.97
N PHE B 347 17.27 28.20 -15.32
CA PHE B 347 18.61 28.23 -15.88
C PHE B 347 19.55 27.21 -15.26
N PHE B 348 20.53 26.87 -16.08
CA PHE B 348 21.62 25.95 -15.78
C PHE B 348 22.93 26.70 -15.55
N TYR B 349 23.56 26.50 -14.41
CA TYR B 349 24.74 27.20 -13.95
C TYR B 349 26.02 26.37 -13.97
N VAL B 350 27.13 26.87 -14.56
CA VAL B 350 28.42 26.18 -14.43
C VAL B 350 29.30 27.06 -13.56
N VAL B 351 29.59 26.69 -12.34
CA VAL B 351 30.30 27.46 -11.33
C VAL B 351 31.65 26.86 -10.99
N ASP B 352 32.68 27.69 -10.82
CA ASP B 352 34.05 27.32 -10.55
C ASP B 352 33.99 26.98 -9.07
N ARG B 353 34.31 25.74 -8.75
CA ARG B 353 34.17 25.29 -7.38
C ARG B 353 35.39 25.71 -6.62
N SER B 354 36.40 26.29 -7.28
CA SER B 354 37.54 26.72 -6.49
C SER B 354 37.21 28.03 -5.78
N ASN B 355 36.26 28.81 -6.27
CA ASN B 355 35.93 30.07 -5.60
C ASN B 355 34.54 30.65 -5.82
N GLY B 356 33.61 29.93 -6.42
CA GLY B 356 32.30 30.33 -6.80
C GLY B 356 32.27 31.41 -7.85
N LYS B 357 33.00 31.23 -8.93
CA LYS B 357 33.05 32.14 -10.06
C LYS B 357 32.33 31.51 -11.26
N LEU B 358 31.27 32.18 -11.70
CA LEU B 358 30.41 31.71 -12.76
C LEU B 358 31.14 31.49 -14.06
N GLN B 359 30.96 30.38 -14.73
CA GLN B 359 31.61 30.03 -15.95
C GLN B 359 30.64 29.97 -17.13
N ASN B 360 29.45 29.41 -17.00
CA ASN B 360 28.49 29.32 -18.09
C ASN B 360 27.12 29.31 -17.45
N ALA B 361 26.10 29.83 -18.07
CA ALA B 361 24.77 29.87 -17.58
C ALA B 361 23.80 29.90 -18.75
N PHE B 362 22.70 29.14 -18.68
CA PHE B 362 21.83 29.10 -19.86
C PHE B 362 20.52 28.43 -19.44
N PRO B 363 19.49 28.60 -20.25
CA PRO B 363 18.16 28.09 -19.99
C PRO B 363 18.03 26.58 -20.12
N PHE B 364 17.18 25.91 -19.37
CA PHE B 364 16.97 24.50 -19.68
C PHE B 364 15.49 24.30 -19.92
N VAL B 365 14.66 25.30 -19.67
CA VAL B 365 13.21 25.15 -19.91
C VAL B 365 12.77 26.23 -20.89
N ASP B 366 11.89 25.85 -21.79
CA ASP B 366 11.37 26.79 -22.75
C ASP B 366 10.96 28.16 -22.27
N ASN B 367 9.72 28.63 -22.36
CA ASN B 367 9.47 30.08 -22.43
C ASN B 367 9.66 30.97 -21.24
N ILE B 368 10.88 31.20 -20.75
CA ILE B 368 11.11 31.99 -19.55
C ILE B 368 10.85 33.48 -19.72
N THR B 369 10.23 34.15 -18.76
CA THR B 369 9.82 35.51 -18.64
C THR B 369 10.32 36.38 -17.50
N TRP B 370 10.89 35.86 -16.42
CA TRP B 370 11.25 36.82 -15.35
C TRP B 370 12.65 37.38 -15.71
N ALA B 371 13.34 36.67 -16.59
CA ALA B 371 14.70 37.09 -16.90
C ALA B 371 15.06 36.67 -18.33
N SER B 372 15.82 37.52 -19.04
CA SER B 372 16.09 37.23 -20.44
C SER B 372 17.32 36.36 -20.57
N HIS B 373 18.25 36.54 -19.64
CA HIS B 373 19.47 35.74 -19.65
C HIS B 373 20.25 36.06 -18.38
N ILE B 374 21.40 35.42 -18.26
CA ILE B 374 22.33 35.69 -17.19
C ILE B 374 23.60 36.25 -17.93
N ASP B 375 23.71 37.55 -17.81
CA ASP B 375 24.85 38.39 -17.93
C ASP B 375 26.05 37.83 -17.14
N LEU B 376 26.90 37.28 -17.98
CA LEU B 376 28.13 36.61 -17.66
C LEU B 376 29.24 37.45 -17.09
N LYS B 377 29.44 38.76 -17.35
CA LYS B 377 30.61 39.36 -16.70
C LYS B 377 30.24 39.80 -15.30
N THR B 378 28.95 39.89 -15.09
CA THR B 378 28.42 40.31 -13.81
C THR B 378 27.80 39.22 -12.96
N GLY B 379 27.54 37.98 -13.42
CA GLY B 379 26.90 37.00 -12.58
C GLY B 379 25.49 37.23 -12.05
N ARG B 380 24.79 38.20 -12.61
CA ARG B 380 23.47 38.65 -12.31
C ARG B 380 22.48 38.48 -13.46
N PRO B 381 21.28 38.00 -13.13
CA PRO B 381 20.24 37.80 -14.14
C PRO B 381 19.79 39.17 -14.62
N VAL B 382 19.43 39.28 -15.89
CA VAL B 382 18.93 40.56 -16.41
C VAL B 382 17.42 40.48 -16.40
N GLU B 383 16.70 40.98 -15.42
CA GLU B 383 15.25 40.80 -15.32
C GLU B 383 14.40 41.46 -16.39
N ARG B 384 13.10 41.24 -16.41
CA ARG B 384 12.09 41.86 -17.19
C ARG B 384 11.17 42.72 -16.30
N GLU B 385 10.85 43.88 -16.82
CA GLU B 385 9.98 44.93 -16.40
C GLU B 385 8.92 44.55 -15.41
N GLY B 386 7.70 44.13 -15.72
CA GLY B 386 6.77 43.89 -14.63
C GLY B 386 6.86 42.65 -13.78
N GLN B 387 7.97 41.91 -13.81
CA GLN B 387 8.04 40.59 -13.22
C GLN B 387 8.05 40.51 -11.72
N ARG B 388 8.47 41.51 -10.98
CA ARG B 388 8.22 41.58 -9.54
C ARG B 388 6.84 42.25 -9.48
N PRO B 389 5.82 41.51 -9.10
CA PRO B 389 4.45 41.99 -9.20
C PRO B 389 4.18 43.13 -8.24
N PRO B 390 3.44 44.12 -8.72
CA PRO B 390 3.13 45.33 -8.00
C PRO B 390 2.12 45.22 -6.87
N LEU B 391 2.50 45.88 -5.81
CA LEU B 391 1.77 46.20 -4.61
C LEU B 391 0.32 46.60 -4.95
N PRO B 392 -0.62 46.41 -4.02
CA PRO B 392 -1.97 46.78 -4.32
C PRO B 392 -2.08 48.27 -4.51
N GLU B 393 -3.10 48.65 -5.25
CA GLU B 393 -3.50 50.04 -5.46
C GLU B 393 -4.03 50.42 -4.07
N PRO B 394 -4.14 51.72 -3.84
CA PRO B 394 -4.71 52.24 -2.60
C PRO B 394 -6.12 51.69 -2.47
N GLY B 395 -6.40 51.01 -1.37
CA GLY B 395 -7.69 50.43 -1.07
C GLY B 395 -7.83 48.95 -1.40
N GLN B 396 -6.82 48.39 -2.09
CA GLN B 396 -6.96 47.00 -2.53
C GLN B 396 -6.09 46.07 -1.71
N LYS B 397 -6.58 44.93 -1.22
CA LYS B 397 -5.71 44.06 -0.42
C LYS B 397 -5.06 42.96 -1.23
N HIS B 398 -5.17 43.00 -2.54
CA HIS B 398 -4.59 42.13 -3.54
C HIS B 398 -4.11 43.10 -4.64
N GLY B 399 -2.98 42.90 -5.28
CA GLY B 399 -2.48 43.80 -6.32
C GLY B 399 -2.78 43.29 -7.72
N LYS B 400 -2.13 43.75 -8.77
CA LYS B 400 -2.35 43.30 -10.14
C LYS B 400 -1.64 42.00 -10.51
N ALA B 401 -2.32 40.97 -11.02
CA ALA B 401 -1.66 39.74 -11.39
C ALA B 401 -0.87 39.84 -12.69
N VAL B 402 0.32 39.26 -12.67
CA VAL B 402 1.26 39.11 -13.76
C VAL B 402 1.55 37.61 -13.93
N GLU B 403 1.63 37.25 -15.20
CA GLU B 403 1.85 35.90 -15.70
C GLU B 403 3.36 35.65 -15.65
N VAL B 404 3.85 34.76 -14.81
CA VAL B 404 5.22 34.35 -14.65
C VAL B 404 5.50 32.89 -15.06
N SER B 405 6.67 32.59 -15.55
CA SER B 405 7.18 31.27 -15.83
C SER B 405 8.72 31.26 -15.76
N PRO B 406 9.27 30.31 -15.00
CA PRO B 406 8.43 29.25 -14.46
C PRO B 406 7.78 29.71 -13.18
N PRO B 407 6.78 28.92 -12.80
CA PRO B 407 6.11 29.14 -11.51
C PRO B 407 6.99 28.84 -10.31
N PHE B 408 6.50 29.07 -9.12
CA PHE B 408 7.25 28.74 -7.90
C PHE B 408 7.65 27.27 -7.89
N LEU B 409 6.83 26.31 -8.39
CA LEU B 409 7.27 24.93 -8.42
C LEU B 409 8.48 24.68 -9.31
N GLY B 410 8.87 25.65 -10.15
CA GLY B 410 10.10 25.68 -10.83
C GLY B 410 10.30 24.96 -12.12
N GLY B 411 11.53 25.08 -12.64
CA GLY B 411 11.91 24.46 -13.94
C GLY B 411 12.24 23.00 -13.69
N LYS B 412 12.78 22.80 -12.48
CA LYS B 412 13.08 21.55 -11.87
C LYS B 412 12.97 21.78 -10.35
N ASN B 413 12.53 20.81 -9.58
CA ASN B 413 12.36 21.04 -8.13
C ASN B 413 13.45 20.24 -7.46
N TRP B 414 13.38 19.71 -6.28
CA TRP B 414 14.37 18.87 -5.65
C TRP B 414 14.65 17.60 -6.50
N ASN B 415 13.66 16.90 -7.10
CA ASN B 415 13.99 15.65 -7.79
C ASN B 415 15.29 15.85 -8.61
N PRO B 416 16.26 14.95 -8.46
CA PRO B 416 17.56 15.11 -9.06
C PRO B 416 18.00 14.42 -10.34
N MET B 417 18.90 15.08 -11.05
CA MET B 417 19.54 14.93 -12.32
C MET B 417 20.78 14.05 -12.18
N ALA B 418 21.14 13.36 -13.23
CA ALA B 418 22.27 12.47 -13.31
C ALA B 418 23.29 12.98 -14.35
N TYR B 419 24.51 12.52 -14.08
CA TYR B 419 25.59 12.88 -14.99
C TYR B 419 26.06 11.52 -15.49
N SER B 420 26.25 11.42 -16.76
CA SER B 420 26.87 10.39 -17.55
C SER B 420 28.37 10.57 -17.88
N GLN B 421 29.19 9.68 -17.34
CA GLN B 421 30.65 9.68 -17.60
C GLN B 421 30.96 9.38 -19.06
N ASP B 422 30.33 8.49 -19.78
CA ASP B 422 30.43 8.22 -21.17
C ASP B 422 29.89 9.32 -22.08
N THR B 423 28.69 9.84 -21.94
CA THR B 423 28.26 10.80 -22.95
C THR B 423 28.57 12.25 -22.66
N GLY B 424 28.97 12.68 -21.49
CA GLY B 424 29.18 14.08 -21.18
C GLY B 424 27.96 14.91 -20.88
N LEU B 425 26.73 14.42 -20.99
CA LEU B 425 25.46 15.06 -20.79
C LEU B 425 24.85 14.95 -19.39
N PHE B 426 24.09 15.99 -18.97
CA PHE B 426 23.32 15.98 -17.75
C PHE B 426 21.86 15.69 -18.14
N TYR B 427 21.24 14.73 -17.51
CA TYR B 427 19.87 14.29 -17.74
C TYR B 427 18.92 14.87 -16.70
N VAL B 428 18.17 15.90 -17.12
CA VAL B 428 17.36 16.73 -16.24
C VAL B 428 15.87 16.49 -16.23
N PRO B 429 15.27 16.06 -15.12
CA PRO B 429 13.82 15.85 -15.01
C PRO B 429 13.06 17.18 -14.95
N ALA B 430 12.82 17.86 -16.07
CA ALA B 430 12.15 19.18 -15.92
C ALA B 430 10.67 19.20 -16.24
N ASN B 431 10.05 20.34 -15.93
CA ASN B 431 8.63 20.53 -16.28
C ASN B 431 8.34 21.82 -17.06
N HIS B 432 7.29 21.92 -17.85
CA HIS B 432 6.88 23.13 -18.54
C HIS B 432 5.54 23.63 -18.06
N TRP B 433 5.33 24.75 -17.39
CA TRP B 433 4.06 25.18 -16.81
C TRP B 433 4.24 26.64 -16.37
N LYS B 434 3.22 27.40 -15.94
CA LYS B 434 3.36 28.75 -15.43
C LYS B 434 2.31 29.18 -14.41
N GLU B 435 2.14 30.49 -14.19
CA GLU B 435 1.14 30.89 -13.21
C GLU B 435 0.66 32.33 -13.32
N ASP B 436 -0.36 32.65 -12.48
CA ASP B 436 -0.72 34.03 -12.18
C ASP B 436 -0.10 34.33 -10.81
N TYR B 437 0.62 35.43 -10.65
CA TYR B 437 1.19 35.78 -9.35
C TYR B 437 0.79 37.19 -8.95
N TRP B 438 0.49 37.48 -7.70
CA TRP B 438 -0.01 38.80 -7.34
C TRP B 438 0.29 39.04 -5.85
N THR B 439 0.45 40.29 -5.50
CA THR B 439 0.79 40.74 -4.16
C THR B 439 -0.39 40.77 -3.23
N GLU B 440 -0.18 40.45 -1.95
CA GLU B 440 -1.25 40.47 -0.98
C GLU B 440 -0.79 41.19 0.27
N GLU B 441 -1.32 40.91 1.43
CA GLU B 441 -0.83 41.59 2.63
C GLU B 441 0.21 40.75 3.34
N VAL B 442 1.27 41.35 3.86
CA VAL B 442 2.37 40.62 4.50
C VAL B 442 2.52 40.90 5.98
N SER B 443 2.52 39.89 6.84
CA SER B 443 2.75 40.03 8.26
C SER B 443 3.10 38.70 8.93
N TYR B 444 4.05 38.66 9.84
CA TYR B 444 4.48 37.44 10.49
C TYR B 444 3.65 37.08 11.72
N THR B 445 3.26 35.82 11.81
CA THR B 445 2.64 35.19 12.96
C THR B 445 3.15 33.76 13.19
N LYS B 446 3.87 33.53 14.29
CA LYS B 446 4.42 32.22 14.64
C LYS B 446 3.46 31.06 14.41
N GLY B 447 3.92 30.01 13.70
CA GLY B 447 3.21 28.85 13.26
C GLY B 447 2.33 29.01 12.01
N SER B 448 2.23 30.19 11.42
CA SER B 448 1.46 30.46 10.22
C SER B 448 2.36 30.62 9.00
N ALA B 449 1.79 30.40 7.85
CA ALA B 449 2.53 30.53 6.60
C ALA B 449 2.87 31.99 6.44
N TYR B 450 3.90 32.35 5.72
CA TYR B 450 4.44 33.70 5.68
C TYR B 450 4.90 33.92 4.25
N LEU B 451 3.87 34.02 3.39
CA LEU B 451 4.09 34.21 1.98
C LEU B 451 4.03 35.69 1.56
N GLY B 452 2.83 36.20 1.71
CA GLY B 452 2.39 37.49 1.27
C GLY B 452 2.10 37.58 -0.21
N MET B 453 1.80 36.49 -0.93
CA MET B 453 1.42 36.58 -2.32
C MET B 453 0.29 35.56 -2.55
N GLY B 454 -0.41 35.75 -3.65
CA GLY B 454 -1.45 34.84 -4.13
C GLY B 454 -0.87 34.23 -5.46
N PHE B 455 -1.36 33.03 -5.75
CA PHE B 455 -0.90 32.34 -6.94
C PHE B 455 -1.85 31.35 -7.57
N ARG B 456 -1.65 30.99 -8.80
CA ARG B 456 -2.30 29.86 -9.44
C ARG B 456 -1.35 29.24 -10.45
N ILE B 457 -1.21 27.93 -10.42
CA ILE B 457 -0.42 27.17 -11.40
C ILE B 457 -1.32 26.70 -12.55
N LYS B 458 -0.76 26.76 -13.77
CA LYS B 458 -1.44 26.29 -14.96
C LYS B 458 -0.54 25.83 -16.11
N ARG B 459 -1.03 25.06 -17.05
CA ARG B 459 -0.34 24.51 -18.18
C ARG B 459 0.57 25.53 -18.86
N MET B 460 1.54 25.04 -19.63
CA MET B 460 2.23 25.94 -20.58
C MET B 460 1.79 25.49 -21.98
N TYR B 461 1.83 24.22 -22.25
CA TYR B 461 1.47 23.55 -23.47
C TYR B 461 0.29 22.60 -23.24
N ASP B 462 -0.42 22.24 -24.30
CA ASP B 462 -1.65 21.46 -24.34
C ASP B 462 -1.36 19.97 -24.25
N ASP B 463 -0.28 19.49 -24.82
CA ASP B 463 0.00 18.09 -24.88
C ASP B 463 0.96 17.56 -23.83
N HIS B 464 1.51 18.37 -22.91
CA HIS B 464 2.43 17.74 -21.96
C HIS B 464 2.86 18.67 -20.85
N VAL B 465 3.48 18.09 -19.83
CA VAL B 465 4.00 18.88 -18.70
C VAL B 465 5.46 18.53 -18.40
N GLY B 466 5.77 17.28 -18.12
CA GLY B 466 7.06 16.76 -17.76
C GLY B 466 8.02 16.68 -18.96
N SER B 467 9.30 16.99 -18.77
CA SER B 467 10.12 16.99 -19.98
C SER B 467 11.49 16.43 -19.74
N LEU B 468 11.69 15.20 -20.14
CA LEU B 468 13.01 14.58 -19.91
C LEU B 468 13.95 15.24 -20.92
N ARG B 469 15.00 15.87 -20.43
CA ARG B 469 15.90 16.56 -21.33
C ARG B 469 17.39 16.33 -21.22
N ALA B 470 18.03 15.95 -22.33
CA ALA B 470 19.49 15.79 -22.34
C ALA B 470 20.22 17.07 -22.80
N MET B 471 20.83 17.81 -21.92
CA MET B 471 21.52 19.04 -21.94
C MET B 471 23.04 18.79 -21.98
N ASP B 472 23.61 19.52 -22.94
CA ASP B 472 25.08 19.51 -23.12
C ASP B 472 25.55 20.73 -22.33
N PRO B 473 26.42 20.49 -21.36
CA PRO B 473 26.96 21.52 -20.51
C PRO B 473 27.90 22.55 -21.14
N VAL B 474 28.64 22.25 -22.21
CA VAL B 474 29.46 23.24 -22.86
C VAL B 474 28.68 24.10 -23.83
N SER B 475 27.89 23.59 -24.77
CA SER B 475 27.16 24.45 -25.68
C SER B 475 25.83 24.96 -25.16
N GLY B 476 25.21 24.28 -24.19
CA GLY B 476 23.95 24.74 -23.64
C GLY B 476 22.78 24.24 -24.46
N LYS B 477 23.06 23.21 -25.25
CA LYS B 477 22.10 22.56 -26.10
C LYS B 477 21.26 21.39 -25.59
N VAL B 478 20.04 21.30 -26.12
CA VAL B 478 19.21 20.13 -25.90
C VAL B 478 19.47 19.07 -26.99
N VAL B 479 20.31 18.11 -26.57
CA VAL B 479 20.58 16.93 -27.36
C VAL B 479 19.32 16.09 -27.49
N TRP B 480 18.40 15.93 -26.55
CA TRP B 480 17.19 15.15 -26.81
C TRP B 480 16.12 15.39 -25.76
N GLU B 481 14.86 15.17 -26.17
CA GLU B 481 13.74 15.40 -25.28
C GLU B 481 12.66 14.32 -25.32
N HIS B 482 12.26 13.83 -24.15
CA HIS B 482 11.22 12.84 -23.94
C HIS B 482 10.08 13.56 -23.22
N LYS B 483 8.89 13.56 -23.79
CA LYS B 483 7.79 14.33 -23.14
C LYS B 483 6.70 13.52 -22.47
N GLU B 484 6.12 13.98 -21.35
CA GLU B 484 5.09 13.17 -20.65
C GLU B 484 3.89 14.04 -20.25
N HIS B 485 2.68 13.55 -20.34
CA HIS B 485 1.44 14.15 -19.94
C HIS B 485 1.41 14.51 -18.46
N LEU B 486 1.95 13.72 -17.55
CA LEU B 486 1.98 14.27 -16.19
C LEU B 486 3.30 14.98 -15.93
N PRO B 487 3.35 15.78 -14.85
CA PRO B 487 4.61 16.36 -14.41
C PRO B 487 5.59 15.22 -14.08
N LEU B 488 6.87 15.54 -13.92
CA LEU B 488 7.97 14.68 -13.58
C LEU B 488 8.44 15.07 -12.17
N TRP B 489 8.56 14.01 -11.34
CA TRP B 489 8.98 14.23 -9.94
C TRP B 489 9.86 13.18 -9.44
N ALA B 490 10.58 12.38 -10.23
CA ALA B 490 11.44 11.33 -9.75
C ALA B 490 12.92 11.72 -10.12
N GLY B 491 13.89 11.15 -9.36
CA GLY B 491 15.28 11.34 -9.72
C GLY B 491 15.60 10.56 -11.01
N VAL B 492 16.76 10.73 -11.56
CA VAL B 492 17.24 10.05 -12.74
C VAL B 492 18.52 9.29 -12.36
N LEU B 493 18.79 8.18 -12.99
CA LEU B 493 20.01 7.43 -12.78
C LEU B 493 20.65 7.09 -14.14
N ALA B 494 21.98 7.29 -14.24
CA ALA B 494 22.64 7.00 -15.52
C ALA B 494 23.67 5.91 -15.34
N THR B 495 23.86 4.99 -16.19
CA THR B 495 24.69 3.83 -16.30
C THR B 495 25.42 3.60 -17.67
N ALA B 496 26.57 2.97 -17.47
CA ALA B 496 27.42 2.51 -18.53
C ALA B 496 26.74 1.36 -19.28
N GLY B 497 25.48 1.10 -19.36
CA GLY B 497 24.71 0.20 -20.16
C GLY B 497 24.01 1.03 -21.23
N ASN B 498 24.34 2.34 -21.19
CA ASN B 498 23.80 3.25 -22.20
C ASN B 498 22.31 3.38 -21.95
N LEU B 499 22.07 3.54 -20.67
CA LEU B 499 20.67 3.63 -20.17
C LEU B 499 20.40 4.80 -19.25
N VAL B 500 19.17 5.31 -19.42
CA VAL B 500 18.75 6.35 -18.48
C VAL B 500 17.47 5.86 -17.83
N PHE B 501 17.34 5.90 -16.51
CA PHE B 501 16.15 5.48 -15.78
C PHE B 501 15.44 6.61 -15.05
N THR B 502 14.12 6.61 -14.98
CA THR B 502 13.33 7.44 -14.10
C THR B 502 11.94 6.86 -13.87
N GLY B 503 11.10 7.44 -13.01
CA GLY B 503 9.72 6.97 -12.89
C GLY B 503 8.74 8.06 -13.33
N THR B 504 7.48 7.83 -13.63
CA THR B 504 6.57 8.92 -13.99
C THR B 504 5.41 9.06 -13.03
N GLY B 505 4.50 10.01 -13.22
CA GLY B 505 3.38 10.35 -12.37
C GLY B 505 2.22 9.32 -12.37
N ASP B 506 2.11 8.67 -13.51
CA ASP B 506 1.13 7.66 -13.66
C ASP B 506 1.67 6.28 -13.38
N GLY B 507 2.67 6.11 -12.56
CA GLY B 507 3.29 4.94 -12.11
C GLY B 507 4.25 4.00 -12.79
N TYR B 508 4.72 4.35 -13.99
CA TYR B 508 5.67 3.46 -14.67
C TYR B 508 7.13 3.71 -14.23
N PHE B 509 7.84 2.60 -14.13
CA PHE B 509 9.31 2.74 -14.07
C PHE B 509 9.82 2.61 -15.50
N LYS B 510 10.64 3.51 -16.01
CA LYS B 510 11.05 3.51 -17.41
C LYS B 510 12.54 3.54 -17.63
N ALA B 511 12.95 2.96 -18.77
CA ALA B 511 14.34 3.02 -19.25
C ALA B 511 14.47 3.68 -20.66
N PHE B 512 15.37 4.65 -20.74
CA PHE B 512 15.63 5.36 -21.97
C PHE B 512 17.05 5.15 -22.50
N ASP B 513 17.14 5.19 -23.81
CA ASP B 513 18.44 5.03 -24.43
C ASP B 513 19.29 6.30 -24.15
N ALA B 514 20.48 6.16 -23.60
CA ALA B 514 21.14 7.44 -23.25
C ALA B 514 21.68 8.33 -24.37
N LYS B 515 21.74 8.02 -25.65
CA LYS B 515 22.20 8.87 -26.72
C LYS B 515 21.05 9.43 -27.55
N SER B 516 19.99 8.63 -27.65
CA SER B 516 18.84 9.11 -28.44
C SER B 516 17.58 9.47 -27.69
N GLY B 517 17.23 9.04 -26.47
CA GLY B 517 15.98 9.36 -25.84
C GLY B 517 14.83 8.36 -26.02
N LYS B 518 14.95 7.36 -26.86
CA LYS B 518 13.95 6.37 -27.15
C LYS B 518 13.64 5.57 -25.88
N GLU B 519 12.34 5.34 -25.74
CA GLU B 519 11.77 4.59 -24.66
C GLU B 519 11.94 3.09 -25.01
N LEU B 520 12.62 2.38 -24.10
CA LEU B 520 12.92 1.00 -24.35
C LEU B 520 12.18 0.03 -23.44
N TRP B 521 11.77 0.46 -22.26
CA TRP B 521 11.21 -0.46 -21.28
C TRP B 521 10.45 0.31 -20.20
N LYS B 522 9.28 -0.27 -19.86
CA LYS B 522 8.48 0.31 -18.75
C LYS B 522 7.71 -0.75 -17.97
N PHE B 523 7.43 -0.45 -16.71
CA PHE B 523 6.69 -1.32 -15.85
C PHE B 523 5.84 -0.47 -14.90
N GLN B 524 4.56 -0.79 -14.89
CA GLN B 524 3.56 -0.25 -14.00
C GLN B 524 3.45 -0.87 -12.59
N THR B 525 4.02 -0.15 -11.65
CA THR B 525 4.15 -0.40 -10.24
C THR B 525 2.85 -0.15 -9.45
N GLY B 526 1.90 0.66 -9.91
CA GLY B 526 0.67 0.83 -9.24
C GLY B 526 0.44 2.14 -8.53
N SER B 527 1.40 3.01 -8.30
CA SER B 527 1.32 4.34 -7.78
C SER B 527 2.32 5.28 -8.49
N GLY B 528 2.10 6.59 -8.59
CA GLY B 528 3.12 7.48 -9.11
C GLY B 528 4.42 7.44 -8.30
N ILE B 529 5.53 7.53 -8.99
CA ILE B 529 6.87 7.47 -8.47
C ILE B 529 7.52 8.85 -8.32
N VAL B 530 7.98 9.11 -7.10
CA VAL B 530 8.57 10.39 -6.78
C VAL B 530 9.90 10.22 -6.01
N SER B 531 10.70 9.27 -6.47
CA SER B 531 12.02 9.13 -5.84
C SER B 531 13.11 8.89 -6.87
N PRO B 532 14.35 8.80 -6.44
CA PRO B 532 15.48 8.51 -7.31
C PRO B 532 15.83 7.05 -7.24
N PRO B 533 15.82 6.28 -8.32
CA PRO B 533 16.32 4.91 -8.33
C PRO B 533 17.82 4.85 -8.26
N ILE B 534 18.34 3.73 -7.83
CA ILE B 534 19.67 3.28 -7.66
C ILE B 534 19.91 1.90 -8.28
N THR B 535 21.19 1.55 -8.49
CA THR B 535 21.54 0.24 -8.99
C THR B 535 22.78 -0.34 -8.30
N TRP B 536 22.96 -1.66 -8.29
CA TRP B 536 24.07 -2.25 -7.55
C TRP B 536 24.31 -3.70 -7.98
N GLU B 537 25.47 -4.22 -7.61
CA GLU B 537 25.82 -5.60 -7.93
C GLU B 537 25.64 -6.47 -6.69
N GLN B 538 25.06 -7.64 -6.92
CA GLN B 538 24.91 -8.51 -5.75
C GLN B 538 25.25 -9.94 -6.11
N ASP B 539 26.25 -10.49 -5.45
CA ASP B 539 26.64 -11.91 -5.72
C ASP B 539 26.44 -12.15 -7.20
N GLY B 540 27.10 -11.39 -8.04
CA GLY B 540 27.25 -11.32 -9.44
C GLY B 540 26.19 -10.81 -10.36
N GLU B 541 25.13 -10.27 -9.79
CA GLU B 541 23.94 -9.83 -10.50
C GLU B 541 23.57 -8.38 -10.37
N GLN B 542 23.24 -7.73 -11.46
CA GLN B 542 22.83 -6.32 -11.40
C GLN B 542 21.40 -6.11 -10.85
N TYR B 543 21.27 -5.27 -9.87
CA TYR B 543 19.96 -4.97 -9.32
C TYR B 543 19.57 -3.51 -9.46
N LEU B 544 18.29 -3.24 -9.65
CA LEU B 544 17.75 -1.88 -9.59
C LEU B 544 16.77 -1.76 -8.40
N GLY B 545 16.76 -0.63 -7.73
CA GLY B 545 15.82 -0.28 -6.67
C GLY B 545 15.15 1.07 -6.89
N VAL B 546 13.82 1.10 -6.70
CA VAL B 546 13.02 2.32 -6.77
C VAL B 546 11.97 2.31 -5.64
N THR B 547 11.70 3.42 -4.97
CA THR B 547 10.75 3.58 -3.92
C THR B 547 9.44 4.11 -4.54
N VAL B 548 8.27 3.53 -4.17
CA VAL B 548 7.04 3.86 -4.86
C VAL B 548 5.94 4.38 -3.94
N GLY B 549 5.26 5.46 -4.42
CA GLY B 549 4.17 6.02 -3.60
C GLY B 549 4.05 7.52 -3.87
N TYR B 550 3.08 7.98 -4.65
CA TYR B 550 2.87 9.35 -5.03
C TYR B 550 2.66 10.44 -3.98
N GLY B 551 3.16 11.69 -4.19
CA GLY B 551 3.02 12.70 -3.16
C GLY B 551 3.77 13.96 -3.43
N GLY B 552 4.29 14.61 -2.43
CA GLY B 552 5.00 15.85 -2.56
C GLY B 552 4.01 17.02 -2.77
N ALA B 553 4.59 18.15 -3.22
CA ALA B 553 3.93 19.40 -3.41
C ALA B 553 2.86 19.47 -4.46
N VAL B 554 2.94 18.75 -5.58
CA VAL B 554 1.90 18.98 -6.59
C VAL B 554 0.49 18.84 -6.09
N PRO B 555 0.17 17.77 -5.38
CA PRO B 555 -1.16 17.55 -4.87
C PRO B 555 -1.66 18.66 -3.97
N LEU B 556 -0.80 19.31 -3.23
CA LEU B 556 -1.23 20.36 -2.33
C LEU B 556 -1.09 21.76 -2.87
N TRP B 557 -0.25 22.08 -3.85
CA TRP B 557 0.04 23.45 -4.23
C TRP B 557 -0.01 23.58 -5.76
N GLY B 558 -0.22 22.47 -6.45
CA GLY B 558 -0.17 22.48 -7.89
C GLY B 558 -1.23 23.28 -8.64
N GLY B 559 -2.34 23.71 -8.08
CA GLY B 559 -3.34 24.39 -8.88
C GLY B 559 -3.95 23.42 -9.90
N ASP B 560 -4.01 23.82 -11.18
CA ASP B 560 -4.61 22.96 -12.22
C ASP B 560 -4.05 21.54 -12.16
N MET B 561 -2.73 21.48 -12.04
CA MET B 561 -1.85 20.41 -11.77
C MET B 561 -2.19 19.57 -10.55
N ALA B 562 -2.79 20.12 -9.51
CA ALA B 562 -3.39 19.27 -8.49
C ALA B 562 -4.57 18.52 -9.15
N ASP B 563 -5.41 19.22 -9.92
CA ASP B 563 -6.53 18.58 -10.57
C ASP B 563 -6.28 17.46 -11.56
N LEU B 564 -5.25 17.63 -12.37
CA LEU B 564 -4.77 16.63 -13.31
C LEU B 564 -4.46 15.33 -12.51
N THR B 565 -3.72 15.54 -11.43
CA THR B 565 -3.17 14.52 -10.57
C THR B 565 -4.09 13.91 -9.55
N ARG B 566 -5.34 14.35 -9.45
CA ARG B 566 -6.31 13.75 -8.54
C ARG B 566 -6.55 12.27 -8.70
N PRO B 567 -6.63 11.69 -9.89
CA PRO B 567 -6.77 10.26 -10.06
C PRO B 567 -5.59 9.30 -9.87
N VAL B 568 -4.40 9.73 -9.47
CA VAL B 568 -3.26 8.93 -9.17
C VAL B 568 -3.47 8.32 -7.77
N ALA B 569 -3.20 7.03 -7.61
CA ALA B 569 -3.39 6.45 -6.32
C ALA B 569 -2.15 6.48 -5.41
N GLN B 570 -2.46 6.48 -4.12
CA GLN B 570 -1.48 6.48 -3.09
C GLN B 570 -0.80 5.11 -3.01
N GLY B 571 0.35 4.98 -2.36
CA GLY B 571 1.00 3.71 -2.19
C GLY B 571 2.11 3.77 -1.15
N GLY B 572 3.02 2.84 -1.16
CA GLY B 572 4.05 2.82 -0.12
C GLY B 572 4.75 1.48 -0.19
N SER B 573 5.82 1.45 -0.99
CA SER B 573 6.57 0.21 -1.16
C SER B 573 7.95 0.47 -1.69
N PHE B 574 8.79 -0.53 -1.62
CA PHE B 574 10.06 -0.59 -2.28
C PHE B 574 10.06 -1.71 -3.31
N TRP B 575 10.69 -1.54 -4.45
CA TRP B 575 10.71 -2.59 -5.49
C TRP B 575 12.13 -2.75 -6.02
N VAL B 576 12.56 -3.96 -6.25
CA VAL B 576 13.85 -4.39 -6.75
C VAL B 576 13.64 -5.13 -8.05
N PHE B 577 14.46 -4.68 -9.03
CA PHE B 577 14.32 -5.29 -10.37
C PHE B 577 15.65 -5.92 -10.78
N LYS B 578 15.63 -6.90 -11.70
CA LYS B 578 16.85 -7.52 -12.22
C LYS B 578 16.64 -8.35 -13.47
N LEU B 579 17.56 -9.11 -13.98
CA LEU B 579 17.39 -9.96 -15.16
C LEU B 579 17.00 -11.36 -14.67
N PRO B 580 16.18 -12.05 -15.45
CA PRO B 580 15.66 -13.34 -14.98
C PRO B 580 16.80 -14.31 -14.79
N SER B 581 16.83 -14.96 -13.63
CA SER B 581 17.95 -15.85 -13.33
C SER B 581 17.98 -17.05 -14.25
N TRP B 582 16.85 -17.61 -14.66
CA TRP B 582 16.80 -18.72 -15.60
C TRP B 582 17.52 -18.56 -16.93
#